data_4PGF
#
_entry.id   4PGF
#
_cell.length_a   97.597
_cell.length_b   102.740
_cell.length_c   175.018
_cell.angle_alpha   90.00
_cell.angle_beta   90.00
_cell.angle_gamma   90.00
#
_symmetry.space_group_name_H-M   'I 2 2 2'
#
loop_
_entity.id
_entity.type
_entity.pdbx_description
1 polymer Adenosylhomocysteinase
2 non-polymer NICOTINAMIDE-ADENINE-DINUCLEOTIDE
3 non-polymer ADENOSINE
4 water water
#
_entity_poly.entity_id   1
_entity_poly.type   'polypeptide(L)'
_entity_poly.pdbx_seq_one_letter_code
;MSDKLPYKVADIGLAAWGRKALDIAENEMPGLMRMRERYSASKPLKGARIAGCLHMTVETAVLIETLVTLGAEVQWSSCN
IFSTQNHAAAAIAKAGIPVYAWKGETDEEYLWCIEQTLYFKDGPLNMILDDGGDLTNLIHTKYPQLLPGIRGISEETTTG
VHNLYKMMANGILKVPAINVNDSVTKSKFDNLYGCRESLIDGIKRATDVMIAGKVAVVAGYGDVGKGCAQALRGFGARVI
ITEIDPINALQAAMEGYEVTTMDEACQEGNIFVTTTGCIDIILGRHFEQMKDDAIVCNIGHFDVEIDVKWLNENAVEKVN
IKPQVDRYRLKNGRRIILLAEGRLVNLGCAMGHPSFVMSNSFTNQVMAQIELWTHPDKYPVGVHFLPKKLDEAVACAHLG
KLNVKLT(ALY)LTEKQAQYLGMSCDGPFKPDHYRY
;
_entity_poly.pdbx_strand_id   A,B
#
loop_
_chem_comp.id
_chem_comp.type
_chem_comp.name
_chem_comp.formula
ADN non-polymer ADENOSINE 'C10 H13 N5 O4'
NAD non-polymer NICOTINAMIDE-ADENINE-DINUCLEOTIDE 'C21 H27 N7 O14 P2'
#
# COMPACT_ATOMS: atom_id res chain seq x y z
N ASP A 3 -19.21 1.06 38.71
CA ASP A 3 -20.29 0.22 38.19
C ASP A 3 -19.95 -0.31 36.79
N LYS A 4 -20.51 0.30 35.75
CA LYS A 4 -20.32 -0.13 34.37
C LYS A 4 -20.09 1.06 33.47
N LEU A 5 -18.96 1.09 32.76
CA LEU A 5 -18.66 2.16 31.82
C LEU A 5 -19.61 2.13 30.61
N PRO A 6 -19.81 3.29 29.96
CA PRO A 6 -20.61 3.30 28.73
C PRO A 6 -19.83 2.73 27.54
N TYR A 7 -18.53 2.93 27.57
CA TYR A 7 -17.64 2.49 26.50
C TYR A 7 -16.21 2.59 26.99
N LYS A 8 -15.25 2.33 26.12
CA LYS A 8 -13.85 2.68 26.39
C LYS A 8 -13.05 2.64 25.11
N VAL A 9 -12.50 3.79 24.74
CA VAL A 9 -11.78 3.93 23.50
C VAL A 9 -10.57 4.82 23.68
N ALA A 10 -9.65 4.77 22.73
CA ALA A 10 -8.44 5.58 22.77
C ALA A 10 -8.75 7.06 23.02
N ASP A 11 -9.48 7.68 22.12
CA ASP A 11 -9.68 9.12 22.17
C ASP A 11 -10.98 9.51 21.48
N ILE A 12 -11.98 9.90 22.27
CA ILE A 12 -13.28 10.34 21.75
C ILE A 12 -13.15 11.54 20.81
N GLY A 13 -12.01 12.23 20.87
CA GLY A 13 -11.81 13.40 20.03
C GLY A 13 -11.76 13.04 18.56
N LEU A 14 -11.31 11.82 18.30
CA LEU A 14 -11.20 11.31 16.93
C LEU A 14 -12.55 10.91 16.35
N ALA A 15 -13.64 11.33 16.99
CA ALA A 15 -14.96 10.96 16.53
C ALA A 15 -15.31 11.71 15.26
N ALA A 16 -15.06 13.02 15.26
CA ALA A 16 -15.38 13.86 14.11
C ALA A 16 -14.69 13.34 12.86
N TRP A 17 -13.42 12.97 13.01
CA TRP A 17 -12.63 12.45 11.90
C TRP A 17 -13.21 11.13 11.43
N GLY A 18 -13.51 10.24 12.38
CA GLY A 18 -14.07 8.95 12.07
C GLY A 18 -15.39 9.07 11.33
N ARG A 19 -16.19 10.08 11.68
CA ARG A 19 -17.49 10.25 11.07
C ARG A 19 -17.36 10.52 9.58
N LYS A 20 -16.35 11.31 9.21
CA LYS A 20 -16.07 11.53 7.81
C LYS A 20 -15.75 10.22 7.12
N ALA A 21 -14.88 9.43 7.74
CA ALA A 21 -14.50 8.13 7.20
C ALA A 21 -15.71 7.22 7.03
N LEU A 22 -16.64 7.29 7.98
CA LEU A 22 -17.86 6.50 7.93
C LEU A 22 -18.71 6.88 6.73
N ASP A 23 -18.77 8.18 6.47
CA ASP A 23 -19.59 8.69 5.38
C ASP A 23 -19.04 8.21 4.04
N ILE A 24 -17.72 8.29 3.89
CA ILE A 24 -17.05 7.81 2.67
C ILE A 24 -17.25 6.31 2.52
N ALA A 25 -17.02 5.57 3.59
CA ALA A 25 -17.18 4.12 3.60
C ALA A 25 -18.59 3.73 3.17
N GLU A 26 -19.58 4.43 3.69
CA GLU A 26 -20.99 4.15 3.38
C GLU A 26 -21.23 4.17 1.88
N ASN A 27 -20.54 5.08 1.19
CA ASN A 27 -20.64 5.21 -0.25
C ASN A 27 -19.99 4.04 -0.97
N GLU A 28 -19.19 3.26 -0.25
CA GLU A 28 -18.46 2.13 -0.82
C GLU A 28 -19.07 0.80 -0.41
N MET A 29 -20.15 0.83 0.37
CA MET A 29 -20.74 -0.38 0.91
C MET A 29 -22.24 -0.46 0.61
N PRO A 30 -22.61 -0.61 -0.67
CA PRO A 30 -24.02 -0.64 -1.05
C PRO A 30 -24.79 -1.78 -0.38
N GLY A 31 -24.13 -2.91 -0.17
CA GLY A 31 -24.77 -4.05 0.47
C GLY A 31 -25.43 -3.68 1.78
N LEU A 32 -24.72 -2.93 2.60
CA LEU A 32 -25.23 -2.57 3.92
C LEU A 32 -26.26 -1.46 3.80
N MET A 33 -26.10 -0.59 2.82
CA MET A 33 -26.99 0.55 2.68
C MET A 33 -28.36 0.10 2.17
N ARG A 34 -28.38 -0.77 1.15
CA ARG A 34 -29.63 -1.36 0.69
C ARG A 34 -30.35 -2.03 1.85
N MET A 35 -29.58 -2.70 2.71
CA MET A 35 -30.12 -3.36 3.89
C MET A 35 -30.85 -2.35 4.78
N ARG A 36 -30.28 -1.16 4.89
CA ARG A 36 -30.87 -0.11 5.71
C ARG A 36 -32.15 0.41 5.08
N GLU A 37 -32.04 0.81 3.82
CA GLU A 37 -33.18 1.31 3.06
C GLU A 37 -34.33 0.30 3.07
N ARG A 38 -34.01 -0.98 3.21
CA ARG A 38 -35.01 -2.02 3.11
C ARG A 38 -35.67 -2.37 4.44
N TYR A 39 -34.97 -2.18 5.55
CA TYR A 39 -35.41 -2.70 6.85
C TYR A 39 -35.53 -1.66 7.97
N SER A 40 -35.18 -0.41 7.69
CA SER A 40 -35.19 0.60 8.73
C SER A 40 -36.60 0.82 9.29
N ALA A 41 -37.61 0.63 8.45
CA ALA A 41 -39.00 0.83 8.84
C ALA A 41 -39.56 -0.40 9.54
N SER A 42 -39.24 -1.58 9.02
CA SER A 42 -39.74 -2.82 9.57
C SER A 42 -39.00 -3.21 10.85
N LYS A 43 -37.75 -2.77 10.96
CA LYS A 43 -36.92 -3.04 12.13
C LYS A 43 -36.95 -4.51 12.56
N PRO A 44 -36.47 -5.40 11.67
CA PRO A 44 -36.54 -6.85 11.90
C PRO A 44 -35.79 -7.31 13.14
N LEU A 45 -34.70 -6.63 13.51
CA LEU A 45 -33.86 -7.05 14.62
C LEU A 45 -34.25 -6.42 15.94
N LYS A 46 -35.43 -5.81 15.97
CA LYS A 46 -36.01 -5.29 17.21
C LYS A 46 -35.97 -6.34 18.31
N GLY A 47 -35.53 -5.94 19.50
CA GLY A 47 -35.52 -6.81 20.64
C GLY A 47 -34.35 -7.78 20.67
N ALA A 48 -33.42 -7.60 19.74
CA ALA A 48 -32.20 -8.40 19.72
C ALA A 48 -31.10 -7.64 20.43
N ARG A 49 -30.34 -8.37 21.25
CA ARG A 49 -29.24 -7.82 22.01
C ARG A 49 -27.94 -8.47 21.57
N ILE A 50 -27.31 -7.88 20.55
CA ILE A 50 -26.19 -8.49 19.86
C ILE A 50 -24.82 -8.05 20.41
N ALA A 51 -24.12 -8.99 21.05
CA ALA A 51 -22.72 -8.76 21.43
C ALA A 51 -21.82 -9.21 20.29
N GLY A 52 -20.95 -8.32 19.84
CA GLY A 52 -20.06 -8.59 18.73
C GLY A 52 -18.60 -8.55 19.11
N CYS A 53 -17.83 -9.52 18.62
CA CYS A 53 -16.39 -9.54 18.78
C CYS A 53 -15.75 -9.54 17.40
N LEU A 54 -15.50 -8.35 16.87
CA LEU A 54 -15.00 -8.21 15.51
C LEU A 54 -14.20 -6.93 15.33
N HIS A 55 -13.12 -7.01 14.55
CA HIS A 55 -12.16 -5.91 14.37
C HIS A 55 -12.85 -4.55 14.25
N MET A 56 -12.73 -3.73 15.28
CA MET A 56 -13.41 -2.43 15.32
C MET A 56 -12.79 -1.43 14.33
N THR A 57 -13.15 -1.58 13.06
CA THR A 57 -12.64 -0.71 11.99
C THR A 57 -13.75 0.19 11.44
N VAL A 58 -13.40 0.98 10.42
CA VAL A 58 -14.37 1.85 9.76
C VAL A 58 -15.50 1.04 9.15
N GLU A 59 -15.16 -0.09 8.55
CA GLU A 59 -16.12 -0.98 7.91
C GLU A 59 -17.10 -1.55 8.91
N THR A 60 -16.57 -1.98 10.05
CA THR A 60 -17.37 -2.58 11.12
C THR A 60 -18.31 -1.56 11.74
N ALA A 61 -17.87 -0.30 11.79
CA ALA A 61 -18.69 0.78 12.28
C ALA A 61 -19.96 0.85 11.46
N VAL A 62 -19.81 0.78 10.14
CA VAL A 62 -20.93 0.85 9.21
C VAL A 62 -21.84 -0.35 9.43
N LEU A 63 -21.25 -1.50 9.69
CA LEU A 63 -22.01 -2.71 10.00
C LEU A 63 -22.79 -2.54 11.30
N ILE A 64 -22.15 -1.96 12.33
CA ILE A 64 -22.80 -1.78 13.62
C ILE A 64 -24.03 -0.90 13.49
N GLU A 65 -23.85 0.26 12.86
CA GLU A 65 -24.94 1.22 12.68
C GLU A 65 -26.08 0.67 11.82
N THR A 66 -25.78 -0.34 11.01
CA THR A 66 -26.80 -1.00 10.20
C THR A 66 -27.67 -1.88 11.08
N LEU A 67 -27.05 -2.56 12.05
CA LEU A 67 -27.77 -3.42 12.96
C LEU A 67 -28.68 -2.61 13.87
N VAL A 68 -28.24 -1.40 14.21
CA VAL A 68 -29.01 -0.49 15.03
C VAL A 68 -30.23 0.00 14.26
N THR A 69 -29.99 0.46 13.04
CA THR A 69 -31.06 0.88 12.14
C THR A 69 -32.10 -0.23 11.95
N LEU A 70 -31.66 -1.48 12.04
CA LEU A 70 -32.57 -2.61 11.93
C LEU A 70 -33.24 -2.92 13.27
N GLY A 71 -33.02 -2.05 14.25
CA GLY A 71 -33.75 -2.11 15.51
C GLY A 71 -33.04 -2.86 16.63
N ALA A 72 -31.80 -3.30 16.40
CA ALA A 72 -31.08 -4.08 17.40
C ALA A 72 -30.35 -3.21 18.41
N GLU A 73 -30.07 -3.80 19.56
CA GLU A 73 -29.17 -3.22 20.56
C GLU A 73 -27.82 -3.92 20.44
N VAL A 74 -26.78 -3.14 20.24
CA VAL A 74 -25.46 -3.67 19.91
C VAL A 74 -24.41 -3.23 20.92
N GLN A 75 -23.54 -4.16 21.29
CA GLN A 75 -22.35 -3.82 22.07
C GLN A 75 -21.15 -4.58 21.49
N TRP A 76 -20.04 -3.86 21.32
CA TRP A 76 -18.94 -4.34 20.50
C TRP A 76 -17.58 -4.30 21.19
N SER A 77 -16.77 -5.32 20.92
CA SER A 77 -15.36 -5.31 21.23
C SER A 77 -14.61 -5.80 20.00
N SER A 78 -13.35 -5.42 19.88
CA SER A 78 -12.51 -5.92 18.80
C SER A 78 -12.08 -7.36 19.09
N CYS A 79 -11.70 -8.09 18.05
CA CYS A 79 -11.31 -9.49 18.19
C CYS A 79 -9.80 -9.68 18.06
N ASN A 80 -9.10 -8.56 17.96
CA ASN A 80 -7.64 -8.57 17.92
C ASN A 80 -7.10 -7.34 18.61
N ILE A 81 -6.03 -7.51 19.37
CA ILE A 81 -5.49 -6.43 20.17
C ILE A 81 -4.87 -5.29 19.35
N PHE A 82 -4.61 -5.52 18.06
CA PHE A 82 -3.94 -4.52 17.22
C PHE A 82 -4.82 -3.97 16.09
N SER A 83 -6.02 -4.51 15.93
CA SER A 83 -6.82 -4.29 14.72
C SER A 83 -7.80 -3.11 14.78
N THR A 84 -8.03 -2.57 15.97
CA THR A 84 -8.92 -1.42 16.13
C THR A 84 -8.38 -0.17 15.44
N GLN A 85 -9.28 0.60 14.86
CA GLN A 85 -8.95 1.91 14.32
C GLN A 85 -9.61 2.96 15.21
N ASN A 86 -8.79 3.68 15.97
CA ASN A 86 -9.27 4.51 17.07
C ASN A 86 -10.40 5.46 16.68
N HIS A 87 -10.25 6.13 15.54
CA HIS A 87 -11.25 7.12 15.13
C HIS A 87 -12.58 6.46 14.77
N ALA A 88 -12.52 5.20 14.33
CA ALA A 88 -13.74 4.45 14.03
C ALA A 88 -14.47 4.07 15.31
N ALA A 89 -13.70 3.84 16.37
CA ALA A 89 -14.27 3.51 17.67
C ALA A 89 -14.88 4.74 18.31
N ALA A 90 -14.22 5.89 18.12
CA ALA A 90 -14.69 7.15 18.66
C ALA A 90 -16.06 7.52 18.08
N ALA A 91 -16.20 7.37 16.78
CA ALA A 91 -17.45 7.69 16.09
C ALA A 91 -18.63 6.86 16.63
N ILE A 92 -18.39 5.56 16.80
CA ILE A 92 -19.39 4.65 17.33
C ILE A 92 -19.73 4.99 18.77
N ALA A 93 -18.70 5.33 19.53
CA ALA A 93 -18.89 5.64 20.94
C ALA A 93 -19.72 6.91 21.07
N LYS A 94 -19.36 7.92 20.28
CA LYS A 94 -20.07 9.18 20.29
C LYS A 94 -21.52 9.05 19.82
N ALA A 95 -21.79 8.05 19.00
CA ALA A 95 -23.16 7.81 18.53
C ALA A 95 -24.03 7.31 19.68
N GLY A 96 -23.40 6.67 20.67
CA GLY A 96 -24.10 6.19 21.85
C GLY A 96 -24.07 4.68 21.96
N ILE A 97 -23.17 4.06 21.21
CA ILE A 97 -23.11 2.61 21.16
C ILE A 97 -21.99 2.08 22.06
N PRO A 98 -22.33 1.20 23.02
CA PRO A 98 -21.26 0.73 23.91
C PRO A 98 -20.21 -0.07 23.15
N VAL A 99 -19.03 0.52 23.00
CA VAL A 99 -17.90 -0.12 22.36
C VAL A 99 -16.72 -0.18 23.33
N TYR A 100 -15.94 -1.24 23.26
CA TYR A 100 -14.78 -1.42 24.11
C TYR A 100 -13.59 -1.89 23.29
N ALA A 101 -12.83 -0.93 22.77
CA ALA A 101 -11.78 -1.23 21.82
C ALA A 101 -10.88 -0.04 21.56
N TRP A 102 -9.58 -0.33 21.47
CA TRP A 102 -8.57 0.65 21.11
C TRP A 102 -7.37 -0.11 20.57
N LYS A 103 -6.55 0.56 19.76
CA LYS A 103 -5.37 -0.07 19.19
C LYS A 103 -4.25 -0.15 20.25
N GLY A 104 -3.80 -1.37 20.55
CA GLY A 104 -2.69 -1.59 21.47
C GLY A 104 -3.09 -2.25 22.77
N GLU A 105 -4.12 -3.10 22.71
CA GLU A 105 -4.66 -3.74 23.91
C GLU A 105 -3.71 -4.79 24.48
N THR A 106 -3.74 -4.96 25.80
CA THR A 106 -3.04 -6.07 26.44
C THR A 106 -3.93 -7.29 26.33
N ASP A 107 -3.33 -8.48 26.45
CA ASP A 107 -4.09 -9.72 26.41
C ASP A 107 -5.11 -9.72 27.55
N GLU A 108 -4.80 -8.99 28.62
CA GLU A 108 -5.72 -8.86 29.74
C GLU A 108 -6.89 -7.95 29.35
N GLU A 109 -6.58 -6.75 28.89
CA GLU A 109 -7.59 -5.76 28.52
C GLU A 109 -8.54 -6.29 27.46
N TYR A 110 -8.00 -7.13 26.58
CA TYR A 110 -8.76 -7.68 25.46
C TYR A 110 -9.91 -8.57 25.94
N LEU A 111 -9.64 -9.37 26.97
CA LEU A 111 -10.68 -10.22 27.56
C LEU A 111 -11.64 -9.37 28.38
N TRP A 112 -11.12 -8.29 28.96
CA TRP A 112 -11.98 -7.38 29.71
C TRP A 112 -12.98 -6.73 28.77
N CYS A 113 -12.48 -6.25 27.64
CA CYS A 113 -13.32 -5.59 26.63
C CYS A 113 -14.49 -6.45 26.20
N ILE A 114 -14.25 -7.74 25.99
CA ILE A 114 -15.30 -8.64 25.56
C ILE A 114 -16.38 -8.73 26.63
N GLU A 115 -15.96 -8.86 27.88
CA GLU A 115 -16.89 -9.08 28.98
C GLU A 115 -17.80 -7.88 29.22
N GLN A 116 -17.37 -6.69 28.83
CA GLN A 116 -18.21 -5.51 28.98
C GLN A 116 -19.41 -5.56 28.04
N THR A 117 -19.36 -6.43 27.04
CA THR A 117 -20.42 -6.51 26.04
C THR A 117 -21.52 -7.51 26.42
N LEU A 118 -21.21 -8.45 27.30
CA LEU A 118 -22.09 -9.59 27.56
C LEU A 118 -23.42 -9.22 28.20
N TYR A 119 -23.46 -8.08 28.90
CA TYR A 119 -24.68 -7.65 29.57
C TYR A 119 -25.12 -6.27 29.12
N PHE A 120 -26.39 -6.20 28.72
CA PHE A 120 -27.03 -4.96 28.29
C PHE A 120 -27.90 -4.44 29.42
N LYS A 121 -28.36 -3.20 29.28
CA LYS A 121 -29.29 -2.63 30.25
C LYS A 121 -30.58 -3.46 30.30
N ASP A 122 -31.03 -3.95 29.15
CA ASP A 122 -32.28 -4.72 29.06
C ASP A 122 -32.08 -6.21 29.34
N GLY A 123 -30.92 -6.57 29.90
CA GLY A 123 -30.62 -7.97 30.21
C GLY A 123 -29.36 -8.45 29.53
N PRO A 124 -29.14 -9.77 29.53
CA PRO A 124 -27.96 -10.37 28.87
C PRO A 124 -28.12 -10.45 27.36
N LEU A 125 -27.01 -10.69 26.66
CA LEU A 125 -27.00 -10.86 25.22
C LEU A 125 -27.90 -12.01 24.80
N ASN A 126 -28.49 -11.91 23.59
CA ASN A 126 -29.27 -13.00 23.04
C ASN A 126 -28.84 -13.35 21.61
N MET A 127 -27.87 -12.61 21.08
CA MET A 127 -27.29 -12.88 19.77
C MET A 127 -25.78 -12.68 19.81
N ILE A 128 -25.07 -13.49 19.03
CA ILE A 128 -23.63 -13.40 18.93
C ILE A 128 -23.20 -13.16 17.50
N LEU A 129 -22.34 -12.15 17.32
CA LEU A 129 -21.69 -11.90 16.04
C LEU A 129 -20.19 -11.98 16.26
N ASP A 130 -19.64 -13.17 15.99
CA ASP A 130 -18.28 -13.51 16.38
C ASP A 130 -17.31 -13.59 15.19
N ASP A 131 -16.03 -13.46 15.49
CA ASP A 131 -14.96 -13.58 14.50
C ASP A 131 -13.79 -14.31 15.12
N GLY A 132 -13.62 -15.59 14.77
CA GLY A 132 -12.57 -16.42 15.31
C GLY A 132 -13.03 -17.37 16.40
N GLY A 133 -14.17 -17.06 17.01
CA GLY A 133 -14.77 -17.96 17.97
C GLY A 133 -14.44 -17.61 19.41
N ASP A 134 -13.68 -16.54 19.61
CA ASP A 134 -13.29 -16.12 20.96
C ASP A 134 -14.50 -15.90 21.84
N LEU A 135 -15.47 -15.12 21.34
CA LEU A 135 -16.67 -14.84 22.11
C LEU A 135 -17.51 -16.10 22.29
N THR A 136 -17.55 -16.96 21.28
CA THR A 136 -18.30 -18.21 21.35
C THR A 136 -17.74 -19.08 22.44
N ASN A 137 -16.41 -19.25 22.42
CA ASN A 137 -15.74 -20.07 23.42
C ASN A 137 -15.84 -19.49 24.83
N LEU A 138 -15.72 -18.17 24.93
CA LEU A 138 -15.80 -17.51 26.23
C LEU A 138 -17.12 -17.84 26.92
N ILE A 139 -18.21 -17.65 26.19
CA ILE A 139 -19.55 -17.88 26.74
C ILE A 139 -19.75 -19.36 27.08
N HIS A 140 -19.44 -20.26 26.15
CA HIS A 140 -19.58 -21.70 26.39
C HIS A 140 -18.77 -22.20 27.60
N THR A 141 -17.80 -21.40 28.06
CA THR A 141 -16.86 -21.84 29.10
C THR A 141 -17.03 -21.12 30.45
N LYS A 142 -17.05 -19.79 30.41
CA LYS A 142 -17.12 -18.99 31.64
C LYS A 142 -18.55 -18.50 31.94
N TYR A 143 -19.44 -18.65 30.97
CA TYR A 143 -20.83 -18.20 31.14
C TYR A 143 -21.80 -19.19 30.50
N PRO A 144 -21.63 -20.49 30.76
CA PRO A 144 -22.53 -21.47 30.14
C PRO A 144 -23.99 -21.26 30.53
N GLN A 145 -24.21 -20.63 31.68
CA GLN A 145 -25.57 -20.36 32.14
C GLN A 145 -26.27 -19.33 31.26
N LEU A 146 -25.50 -18.61 30.45
CA LEU A 146 -26.04 -17.60 29.55
C LEU A 146 -26.49 -18.17 28.22
N LEU A 147 -26.04 -19.39 27.91
CA LEU A 147 -26.27 -20.00 26.60
C LEU A 147 -27.75 -20.17 26.20
N PRO A 148 -28.60 -20.63 27.13
CA PRO A 148 -30.01 -20.88 26.76
C PRO A 148 -30.77 -19.64 26.31
N GLY A 149 -30.27 -18.47 26.67
CA GLY A 149 -30.89 -17.20 26.30
C GLY A 149 -30.27 -16.59 25.07
N ILE A 150 -29.47 -17.36 24.35
CA ILE A 150 -28.86 -16.94 23.10
C ILE A 150 -29.52 -17.65 21.93
N ARG A 151 -30.08 -16.88 21.00
CA ARG A 151 -30.86 -17.44 19.91
C ARG A 151 -29.97 -18.00 18.82
N GLY A 152 -28.81 -17.38 18.60
CA GLY A 152 -27.91 -17.86 17.57
C GLY A 152 -26.56 -17.17 17.47
N ILE A 153 -25.71 -17.72 16.61
CA ILE A 153 -24.36 -17.24 16.37
C ILE A 153 -24.10 -17.11 14.87
N SER A 154 -23.42 -16.04 14.45
CA SER A 154 -22.84 -16.00 13.11
C SER A 154 -21.33 -15.80 13.23
N GLU A 155 -20.57 -16.62 12.49
CA GLU A 155 -19.11 -16.63 12.58
C GLU A 155 -18.49 -16.23 11.24
N GLU A 156 -17.55 -15.31 11.33
CA GLU A 156 -17.06 -14.57 10.17
C GLU A 156 -15.95 -15.28 9.40
N THR A 157 -14.99 -15.89 10.10
CA THR A 157 -13.75 -16.33 9.46
C THR A 157 -13.51 -17.85 9.53
N THR A 158 -12.59 -18.33 8.69
CA THR A 158 -12.35 -19.76 8.52
C THR A 158 -11.99 -20.47 9.82
N THR A 159 -11.14 -19.84 10.64
CA THR A 159 -10.69 -20.45 11.88
C THR A 159 -11.89 -20.66 12.79
N GLY A 160 -12.72 -19.62 12.89
CA GLY A 160 -13.88 -19.66 13.75
C GLY A 160 -14.82 -20.80 13.43
N VAL A 161 -15.14 -20.98 12.15
CA VAL A 161 -16.10 -22.02 11.77
C VAL A 161 -15.49 -23.39 11.93
N HIS A 162 -14.18 -23.51 11.75
CA HIS A 162 -13.51 -24.78 12.00
C HIS A 162 -13.75 -25.17 13.45
N ASN A 163 -13.51 -24.23 14.36
CA ASN A 163 -13.76 -24.45 15.77
C ASN A 163 -15.21 -24.89 16.00
N LEU A 164 -16.15 -24.19 15.37
CA LEU A 164 -17.56 -24.51 15.53
C LEU A 164 -17.87 -25.96 15.17
N TYR A 165 -17.36 -26.40 14.02
CA TYR A 165 -17.55 -27.77 13.54
C TYR A 165 -16.95 -28.78 14.50
N LYS A 166 -15.78 -28.46 15.05
CA LYS A 166 -15.15 -29.30 16.05
C LYS A 166 -16.03 -29.40 17.29
N MET A 167 -16.53 -28.25 17.74
CA MET A 167 -17.42 -28.20 18.90
C MET A 167 -18.68 -29.02 18.67
N MET A 168 -19.18 -28.98 17.44
CA MET A 168 -20.36 -29.74 17.06
C MET A 168 -20.08 -31.23 17.07
N ALA A 169 -18.88 -31.61 16.63
CA ALA A 169 -18.51 -33.02 16.54
C ALA A 169 -18.21 -33.63 17.91
N ASN A 170 -17.93 -32.78 18.90
CA ASN A 170 -17.68 -33.22 20.27
C ASN A 170 -18.89 -33.00 21.17
N GLY A 171 -20.00 -32.57 20.57
CA GLY A 171 -21.25 -32.38 21.29
C GLY A 171 -21.21 -31.29 22.37
N ILE A 172 -20.44 -30.24 22.16
CA ILE A 172 -20.31 -29.19 23.16
C ILE A 172 -20.88 -27.85 22.71
N LEU A 173 -21.33 -27.77 21.46
CA LEU A 173 -21.97 -26.54 20.97
C LEU A 173 -23.47 -26.58 21.26
N LYS A 174 -23.95 -25.58 22.00
CA LYS A 174 -25.31 -25.57 22.54
C LYS A 174 -26.18 -24.52 21.87
N VAL A 175 -25.58 -23.71 21.00
CA VAL A 175 -26.31 -22.66 20.30
C VAL A 175 -26.21 -22.89 18.79
N PRO A 176 -27.31 -22.72 18.06
CA PRO A 176 -27.23 -22.87 16.60
C PRO A 176 -26.45 -21.73 15.96
N ALA A 177 -25.63 -22.06 14.96
CA ALA A 177 -24.72 -21.09 14.35
C ALA A 177 -24.80 -21.09 12.83
N ILE A 178 -24.45 -19.97 12.21
CA ILE A 178 -24.39 -19.85 10.76
C ILE A 178 -22.96 -19.62 10.29
N ASN A 179 -22.45 -20.58 9.54
CA ASN A 179 -21.18 -20.42 8.87
C ASN A 179 -21.31 -19.35 7.80
N VAL A 180 -20.88 -18.14 8.13
CA VAL A 180 -20.92 -17.02 7.19
C VAL A 180 -19.68 -17.00 6.32
N ASN A 181 -18.58 -17.54 6.83
CA ASN A 181 -17.32 -17.57 6.10
C ASN A 181 -17.44 -18.30 4.79
N ASP A 182 -18.17 -19.42 4.81
CA ASP A 182 -18.28 -20.29 3.65
C ASP A 182 -19.46 -19.89 2.76
N SER A 183 -20.04 -18.73 3.02
CA SER A 183 -20.85 -18.07 2.01
C SER A 183 -19.92 -17.79 0.84
N VAL A 184 -20.41 -17.91 -0.38
CA VAL A 184 -19.54 -17.71 -1.53
C VAL A 184 -19.10 -16.25 -1.62
N THR A 185 -20.00 -15.35 -1.23
CA THR A 185 -19.72 -13.93 -1.37
C THR A 185 -18.77 -13.46 -0.29
N LYS A 186 -18.42 -14.37 0.62
CA LYS A 186 -17.39 -14.07 1.61
C LYS A 186 -16.09 -14.76 1.22
N SER A 187 -16.07 -16.10 1.27
CA SER A 187 -14.84 -16.87 1.10
C SER A 187 -14.11 -16.64 -0.22
N LYS A 188 -14.85 -16.26 -1.26
CA LYS A 188 -14.25 -16.11 -2.59
C LYS A 188 -13.98 -14.66 -2.94
N PHE A 189 -14.33 -13.74 -2.05
CA PHE A 189 -14.09 -12.32 -2.29
C PHE A 189 -13.30 -11.68 -1.18
N ASP A 190 -13.85 -11.70 0.03
CA ASP A 190 -13.16 -11.17 1.20
C ASP A 190 -11.80 -11.83 1.35
N ASN A 191 -11.81 -13.15 1.55
CA ASN A 191 -10.58 -13.89 1.78
C ASN A 191 -9.60 -13.76 0.60
N LEU A 192 -10.10 -13.85 -0.63
CA LEU A 192 -9.23 -13.75 -1.81
C LEU A 192 -8.86 -12.31 -2.15
N TYR A 193 -9.82 -11.53 -2.65
CA TYR A 193 -9.54 -10.20 -3.16
C TYR A 193 -9.17 -9.21 -2.05
N GLY A 194 -9.79 -9.36 -0.90
CA GLY A 194 -9.52 -8.49 0.22
C GLY A 194 -8.04 -8.53 0.57
N CYS A 195 -7.55 -9.74 0.84
CA CYS A 195 -6.14 -9.92 1.20
C CYS A 195 -5.21 -9.49 0.08
N ARG A 196 -5.62 -9.75 -1.16
CA ARG A 196 -4.82 -9.39 -2.33
C ARG A 196 -4.41 -7.92 -2.31
N GLU A 197 -5.20 -7.07 -1.67
CA GLU A 197 -4.92 -5.63 -1.62
C GLU A 197 -4.37 -5.17 -0.28
N SER A 198 -4.85 -5.79 0.80
CA SER A 198 -4.49 -5.33 2.14
C SER A 198 -3.16 -5.88 2.66
N LEU A 199 -2.75 -7.07 2.21
CA LEU A 199 -1.45 -7.61 2.60
C LEU A 199 -0.32 -6.67 2.22
N ILE A 200 -0.26 -6.32 0.94
CA ILE A 200 0.81 -5.46 0.45
C ILE A 200 0.82 -4.16 1.24
N ASP A 201 -0.37 -3.67 1.52
CA ASP A 201 -0.51 -2.38 2.19
C ASP A 201 0.04 -2.46 3.61
N GLY A 202 -0.27 -3.55 4.31
CA GLY A 202 0.29 -3.79 5.63
C GLY A 202 1.80 -3.78 5.59
N ILE A 203 2.38 -4.51 4.64
CA ILE A 203 3.82 -4.61 4.51
C ILE A 203 4.46 -3.27 4.17
N LYS A 204 3.83 -2.53 3.26
CA LYS A 204 4.39 -1.26 2.81
C LYS A 204 4.45 -0.27 3.95
N ARG A 205 3.34 -0.12 4.66
CA ARG A 205 3.27 0.83 5.75
C ARG A 205 4.32 0.50 6.78
N ALA A 206 4.50 -0.80 7.02
CA ALA A 206 5.41 -1.26 8.05
C ALA A 206 6.88 -1.11 7.69
N THR A 207 7.23 -1.27 6.41
CA THR A 207 8.62 -1.42 6.02
C THR A 207 9.04 -0.56 4.82
N ASP A 208 8.10 -0.23 3.96
CA ASP A 208 8.40 0.56 2.77
C ASP A 208 9.47 -0.10 1.91
N VAL A 209 9.35 -1.41 1.75
CA VAL A 209 10.35 -2.18 1.03
C VAL A 209 9.91 -2.42 -0.41
N MET A 210 10.88 -2.44 -1.33
CA MET A 210 10.66 -2.87 -2.72
C MET A 210 10.23 -4.33 -2.74
N ILE A 211 9.09 -4.61 -3.36
CA ILE A 211 8.64 -5.99 -3.58
C ILE A 211 9.32 -6.57 -4.82
N ALA A 212 9.40 -5.76 -5.87
CA ALA A 212 9.98 -6.21 -7.13
C ALA A 212 11.40 -6.70 -6.93
N GLY A 213 11.66 -7.93 -7.38
CA GLY A 213 13.00 -8.49 -7.31
C GLY A 213 13.22 -9.35 -6.09
N LYS A 214 12.27 -9.30 -5.16
CA LYS A 214 12.34 -10.10 -3.94
C LYS A 214 11.85 -11.52 -4.22
N VAL A 215 12.34 -12.48 -3.44
CA VAL A 215 11.72 -13.80 -3.38
C VAL A 215 10.73 -13.77 -2.24
N ALA A 216 9.52 -14.27 -2.47
CA ALA A 216 8.50 -14.27 -1.44
C ALA A 216 7.99 -15.68 -1.21
N VAL A 217 7.82 -16.02 0.07
CA VAL A 217 7.37 -17.34 0.47
C VAL A 217 6.02 -17.21 1.16
N VAL A 218 5.02 -17.82 0.55
CA VAL A 218 3.66 -17.84 1.09
C VAL A 218 3.33 -19.25 1.55
N ALA A 219 3.14 -19.42 2.85
CA ALA A 219 2.71 -20.70 3.37
C ALA A 219 1.20 -20.78 3.33
N GLY A 220 0.69 -21.82 2.68
CA GLY A 220 -0.74 -21.99 2.51
C GLY A 220 -1.20 -21.41 1.19
N TYR A 221 -2.04 -22.17 0.49
CA TYR A 221 -2.58 -21.74 -0.79
C TYR A 221 -4.09 -21.98 -0.84
N GLY A 222 -4.75 -21.73 0.30
CA GLY A 222 -6.19 -21.66 0.36
C GLY A 222 -6.61 -20.32 -0.24
N ASP A 223 -7.79 -19.84 0.12
CA ASP A 223 -8.27 -18.62 -0.49
C ASP A 223 -7.41 -17.43 -0.11
N VAL A 224 -6.99 -17.35 1.15
CA VAL A 224 -6.16 -16.24 1.58
C VAL A 224 -4.80 -16.27 0.87
N GLY A 225 -4.18 -17.45 0.82
CA GLY A 225 -2.85 -17.55 0.23
C GLY A 225 -2.86 -17.20 -1.24
N LYS A 226 -3.92 -17.60 -1.92
CA LYS A 226 -4.09 -17.32 -3.35
C LYS A 226 -4.05 -15.82 -3.64
N GLY A 227 -4.73 -15.03 -2.81
CA GLY A 227 -4.73 -13.59 -2.95
C GLY A 227 -3.35 -13.00 -2.71
N CYS A 228 -2.69 -13.47 -1.67
CA CYS A 228 -1.37 -12.99 -1.31
C CYS A 228 -0.34 -13.29 -2.38
N ALA A 229 -0.31 -14.54 -2.83
CA ALA A 229 0.59 -14.93 -3.89
C ALA A 229 0.36 -14.03 -5.09
N GLN A 230 -0.89 -13.86 -5.46
CA GLN A 230 -1.26 -13.05 -6.60
C GLN A 230 -0.74 -11.62 -6.44
N ALA A 231 -1.00 -11.05 -5.27
CA ALA A 231 -0.60 -9.68 -4.99
C ALA A 231 0.91 -9.51 -5.08
N LEU A 232 1.65 -10.43 -4.45
CA LEU A 232 3.10 -10.34 -4.43
C LEU A 232 3.70 -10.47 -5.83
N ARG A 233 3.20 -11.44 -6.58
CA ARG A 233 3.74 -11.69 -7.91
C ARG A 233 3.45 -10.50 -8.81
N GLY A 234 2.30 -9.84 -8.57
CA GLY A 234 1.94 -8.66 -9.31
C GLY A 234 2.98 -7.57 -9.22
N PHE A 235 3.58 -7.40 -8.05
CA PHE A 235 4.56 -6.35 -7.84
C PHE A 235 5.97 -6.84 -8.14
N GLY A 236 6.08 -7.98 -8.81
CA GLY A 236 7.35 -8.41 -9.37
C GLY A 236 8.20 -9.23 -8.42
N ALA A 237 7.55 -9.94 -7.50
CA ALA A 237 8.26 -10.89 -6.65
C ALA A 237 8.10 -12.29 -7.23
N ARG A 238 9.11 -13.11 -7.03
CA ARG A 238 9.04 -14.52 -7.39
C ARG A 238 8.48 -15.30 -6.20
N VAL A 239 7.23 -15.74 -6.31
CA VAL A 239 6.55 -16.34 -5.18
C VAL A 239 6.80 -17.84 -5.10
N ILE A 240 7.10 -18.30 -3.89
CA ILE A 240 7.22 -19.72 -3.60
C ILE A 240 6.16 -20.10 -2.59
N ILE A 241 5.63 -21.31 -2.73
CA ILE A 241 4.45 -21.77 -2.00
C ILE A 241 4.75 -23.06 -1.24
N THR A 242 4.15 -23.19 -0.08
CA THR A 242 4.21 -24.43 0.70
C THR A 242 2.78 -24.82 0.99
N GLU A 243 2.53 -26.11 1.18
CA GLU A 243 1.16 -26.60 1.25
C GLU A 243 1.11 -28.07 1.65
N ILE A 244 0.04 -28.46 2.34
CA ILE A 244 -0.15 -29.83 2.77
C ILE A 244 -1.25 -30.55 1.97
N ASP A 245 -2.14 -29.76 1.35
CA ASP A 245 -3.20 -30.31 0.51
C ASP A 245 -2.69 -30.47 -0.91
N PRO A 246 -2.65 -31.71 -1.43
CA PRO A 246 -2.06 -31.89 -2.76
C PRO A 246 -2.84 -31.17 -3.86
N ILE A 247 -4.14 -31.00 -3.64
CA ILE A 247 -4.97 -30.29 -4.60
C ILE A 247 -4.57 -28.82 -4.67
N ASN A 248 -4.52 -28.15 -3.53
CA ASN A 248 -4.10 -26.76 -3.49
C ASN A 248 -2.72 -26.61 -4.09
N ALA A 249 -1.87 -27.59 -3.82
CA ALA A 249 -0.50 -27.59 -4.29
C ALA A 249 -0.49 -27.66 -5.80
N LEU A 250 -1.35 -28.51 -6.35
CA LEU A 250 -1.41 -28.64 -7.80
C LEU A 250 -1.84 -27.33 -8.44
N GLN A 251 -2.83 -26.69 -7.87
CA GLN A 251 -3.27 -25.37 -8.33
C GLN A 251 -2.09 -24.41 -8.44
N ALA A 252 -1.32 -24.27 -7.36
CA ALA A 252 -0.21 -23.33 -7.31
C ALA A 252 0.82 -23.60 -8.41
N ALA A 253 1.14 -24.87 -8.62
CA ALA A 253 2.08 -25.25 -9.65
C ALA A 253 1.53 -24.88 -11.02
N MET A 254 0.26 -25.24 -11.25
CA MET A 254 -0.39 -24.99 -12.52
C MET A 254 -0.45 -23.51 -12.84
N GLU A 255 -0.31 -22.69 -11.81
CA GLU A 255 -0.33 -21.25 -11.96
C GLU A 255 1.08 -20.65 -12.07
N GLY A 256 2.09 -21.51 -12.03
CA GLY A 256 3.46 -21.09 -12.26
C GLY A 256 4.26 -20.76 -11.02
N TYR A 257 3.77 -21.15 -9.85
CA TYR A 257 4.50 -20.97 -8.60
C TYR A 257 5.34 -22.21 -8.29
N GLU A 258 6.59 -22.00 -7.89
CA GLU A 258 7.37 -23.09 -7.34
C GLU A 258 6.74 -23.51 -6.01
N VAL A 259 6.58 -24.81 -5.79
CA VAL A 259 5.93 -25.30 -4.56
C VAL A 259 6.83 -26.28 -3.83
N THR A 260 7.34 -25.85 -2.68
CA THR A 260 8.24 -26.69 -1.89
C THR A 260 7.98 -26.57 -0.40
N THR A 261 8.95 -27.00 0.40
CA THR A 261 8.78 -27.01 1.84
C THR A 261 9.45 -25.79 2.47
N MET A 262 8.93 -25.41 3.64
CA MET A 262 9.49 -24.30 4.40
C MET A 262 10.94 -24.59 4.74
N ASP A 263 11.24 -25.86 5.00
CA ASP A 263 12.60 -26.27 5.28
C ASP A 263 13.57 -25.87 4.16
N GLU A 264 13.05 -25.83 2.94
CA GLU A 264 13.83 -25.39 1.77
C GLU A 264 13.74 -23.89 1.57
N ALA A 265 12.52 -23.38 1.58
CA ALA A 265 12.27 -21.99 1.22
C ALA A 265 12.98 -20.99 2.14
N CYS A 266 13.18 -21.35 3.40
CA CYS A 266 13.73 -20.41 4.38
C CYS A 266 15.11 -19.89 3.97
N GLN A 267 15.78 -20.63 3.09
CA GLN A 267 17.09 -20.22 2.59
C GLN A 267 16.97 -19.26 1.41
N GLU A 268 15.78 -19.21 0.78
CA GLU A 268 15.59 -18.39 -0.42
CA GLU A 268 15.58 -18.40 -0.41
C GLU A 268 14.83 -17.10 -0.10
N GLY A 269 13.78 -17.19 0.71
CA GLY A 269 12.91 -16.07 0.99
C GLY A 269 13.55 -14.76 1.45
N ASN A 270 13.04 -13.66 0.90
CA ASN A 270 13.28 -12.30 1.39
C ASN A 270 12.10 -11.86 2.25
N ILE A 271 10.96 -12.48 1.98
CA ILE A 271 9.69 -12.11 2.60
C ILE A 271 8.91 -13.38 2.87
N PHE A 272 8.29 -13.46 4.04
CA PHE A 272 7.59 -14.67 4.44
C PHE A 272 6.21 -14.29 4.92
N VAL A 273 5.21 -15.03 4.42
CA VAL A 273 3.82 -14.74 4.72
C VAL A 273 3.06 -16.02 5.06
N THR A 274 2.62 -16.14 6.31
CA THR A 274 1.89 -17.33 6.74
C THR A 274 0.41 -17.08 6.57
N THR A 275 -0.30 -18.08 6.06
CA THR A 275 -1.73 -17.96 5.81
C THR A 275 -2.46 -19.27 6.08
N THR A 276 -1.81 -20.19 6.77
CA THR A 276 -2.32 -21.55 6.88
C THR A 276 -3.43 -21.68 7.91
N GLY A 277 -3.40 -20.84 8.94
CA GLY A 277 -4.33 -20.97 10.05
C GLY A 277 -3.93 -22.12 10.96
N CYS A 278 -2.65 -22.51 10.90
CA CYS A 278 -2.14 -23.63 11.67
C CYS A 278 -0.92 -23.23 12.49
N ILE A 279 -0.59 -24.03 13.51
CA ILE A 279 0.55 -23.72 14.38
C ILE A 279 1.88 -24.08 13.76
N ASP A 280 2.92 -23.42 14.25
CA ASP A 280 4.30 -23.87 14.04
C ASP A 280 4.68 -23.95 12.56
N ILE A 281 4.35 -22.90 11.81
CA ILE A 281 4.70 -22.82 10.41
C ILE A 281 6.13 -22.33 10.23
N ILE A 282 6.52 -21.34 11.01
CA ILE A 282 7.90 -20.85 11.00
C ILE A 282 8.55 -20.98 12.37
N LEU A 283 9.67 -21.69 12.39
CA LEU A 283 10.37 -22.07 13.61
C LEU A 283 11.77 -21.49 13.64
N GLY A 284 12.47 -21.71 14.76
CA GLY A 284 13.82 -21.22 14.93
C GLY A 284 14.78 -21.79 13.90
N ARG A 285 14.58 -23.05 13.55
CA ARG A 285 15.44 -23.68 12.56
C ARG A 285 15.28 -22.98 11.22
N HIS A 286 14.09 -22.44 10.96
CA HIS A 286 13.85 -21.67 9.75
C HIS A 286 14.53 -20.30 9.83
N PHE A 287 14.25 -19.57 10.90
CA PHE A 287 14.85 -18.26 11.14
C PHE A 287 16.37 -18.24 10.96
N GLU A 288 17.02 -19.31 11.41
CA GLU A 288 18.48 -19.38 11.43
C GLU A 288 19.08 -19.47 10.03
N GLN A 289 18.26 -19.73 9.03
CA GLN A 289 18.74 -19.91 7.66
C GLN A 289 18.32 -18.76 6.75
N MET A 290 17.53 -17.85 7.29
CA MET A 290 17.00 -16.76 6.49
C MET A 290 18.05 -15.74 6.12
N LYS A 291 17.81 -15.04 5.01
CA LYS A 291 18.71 -14.00 4.55
C LYS A 291 18.63 -12.77 5.44
N ASP A 292 19.60 -11.89 5.29
CA ASP A 292 19.67 -10.71 6.14
C ASP A 292 18.51 -9.77 5.84
N ASP A 293 17.82 -9.37 6.91
CA ASP A 293 16.70 -8.43 6.86
C ASP A 293 15.45 -9.03 6.18
N ALA A 294 15.35 -10.35 6.21
CA ALA A 294 14.13 -11.04 5.86
C ALA A 294 12.96 -10.47 6.66
N ILE A 295 11.88 -10.17 5.95
CA ILE A 295 10.65 -9.71 6.58
C ILE A 295 9.75 -10.91 6.83
N VAL A 296 9.17 -11.00 8.02
CA VAL A 296 8.32 -12.12 8.41
C VAL A 296 7.02 -11.63 9.02
N CYS A 297 5.91 -12.11 8.50
CA CYS A 297 4.60 -11.67 8.95
C CYS A 297 3.55 -12.75 8.75
N ASN A 298 2.49 -12.64 9.53
CA ASN A 298 1.38 -13.57 9.46
C ASN A 298 0.12 -12.82 9.09
N ILE A 299 -0.82 -13.50 8.44
CA ILE A 299 -2.09 -12.88 8.10
C ILE A 299 -3.21 -13.90 8.33
N GLY A 300 -2.87 -15.06 8.87
CA GLY A 300 -3.86 -15.99 9.41
C GLY A 300 -4.50 -15.38 10.64
N HIS A 301 -5.57 -16.00 11.14
CA HIS A 301 -6.36 -15.36 12.19
C HIS A 301 -5.65 -15.22 13.54
N PHE A 302 -4.96 -16.28 13.98
CA PHE A 302 -4.25 -16.26 15.26
C PHE A 302 -2.74 -16.17 15.06
N ASP A 303 -2.06 -15.58 16.05
CA ASP A 303 -0.61 -15.44 16.01
C ASP A 303 0.13 -16.70 16.46
N VAL A 304 -0.35 -17.85 16.03
CA VAL A 304 0.26 -19.11 16.43
C VAL A 304 1.11 -19.72 15.32
N GLU A 305 1.24 -19.01 14.20
CA GLU A 305 1.87 -19.58 13.03
C GLU A 305 3.36 -19.30 13.00
N ILE A 306 3.80 -18.28 13.73
CA ILE A 306 5.21 -17.90 13.81
C ILE A 306 5.73 -17.96 15.24
N ASP A 307 6.94 -18.51 15.42
CA ASP A 307 7.48 -18.67 16.76
C ASP A 307 8.20 -17.40 17.20
N VAL A 308 7.42 -16.47 17.72
CA VAL A 308 7.94 -15.19 18.15
C VAL A 308 8.69 -15.32 19.46
N LYS A 309 8.20 -16.19 20.33
CA LYS A 309 8.82 -16.36 21.64
C LYS A 309 10.23 -16.91 21.44
N TRP A 310 10.42 -17.70 20.40
CA TRP A 310 11.76 -18.17 20.06
C TRP A 310 12.67 -16.99 19.76
N LEU A 311 12.20 -16.07 18.92
CA LEU A 311 12.96 -14.88 18.59
C LEU A 311 13.35 -14.10 19.83
N ASN A 312 12.36 -13.89 20.70
CA ASN A 312 12.60 -13.11 21.91
C ASN A 312 13.66 -13.75 22.79
N GLU A 313 13.55 -15.07 22.97
CA GLU A 313 14.48 -15.80 23.83
C GLU A 313 15.86 -15.97 23.22
N ASN A 314 15.92 -16.24 21.91
CA ASN A 314 17.17 -16.64 21.27
C ASN A 314 17.90 -15.53 20.51
N ALA A 315 17.24 -14.40 20.32
CA ALA A 315 17.90 -13.28 19.62
C ALA A 315 18.94 -12.63 20.52
N VAL A 316 19.95 -12.01 19.91
CA VAL A 316 20.96 -11.31 20.66
C VAL A 316 20.64 -9.80 20.73
N GLU A 317 19.86 -9.34 19.76
CA GLU A 317 19.38 -7.95 19.73
C GLU A 317 17.90 -7.88 19.35
N LYS A 318 17.20 -6.90 19.91
CA LYS A 318 15.82 -6.61 19.54
C LYS A 318 15.63 -5.09 19.58
N VAL A 319 15.34 -4.50 18.43
CA VAL A 319 15.13 -3.06 18.33
C VAL A 319 13.77 -2.78 17.70
N ASN A 320 12.94 -2.09 18.45
CA ASN A 320 11.68 -1.58 17.93
C ASN A 320 11.98 -0.45 16.96
N ILE A 321 11.61 -0.66 15.70
CA ILE A 321 11.79 0.36 14.68
C ILE A 321 10.68 1.39 14.79
N LYS A 322 9.48 0.88 15.03
CA LYS A 322 8.29 1.69 15.22
C LYS A 322 7.18 0.75 15.64
N PRO A 323 6.02 1.28 16.03
CA PRO A 323 4.92 0.45 16.50
C PRO A 323 4.58 -0.73 15.57
N GLN A 324 4.63 -1.93 16.14
CA GLN A 324 4.37 -3.20 15.44
C GLN A 324 5.42 -3.51 14.37
N VAL A 325 6.63 -2.99 14.55
CA VAL A 325 7.75 -3.36 13.69
C VAL A 325 9.01 -3.55 14.52
N ASP A 326 9.39 -4.81 14.71
CA ASP A 326 10.57 -5.16 15.50
C ASP A 326 11.66 -5.77 14.62
N ARG A 327 12.90 -5.41 14.90
CA ARG A 327 14.05 -5.87 14.14
C ARG A 327 15.02 -6.65 15.03
N TYR A 328 14.99 -7.97 14.91
CA TYR A 328 15.87 -8.84 15.67
C TYR A 328 17.21 -9.03 14.98
N ARG A 329 18.22 -9.37 15.77
CA ARG A 329 19.48 -9.92 15.26
C ARG A 329 19.75 -11.27 15.92
N LEU A 330 20.19 -12.24 15.12
CA LEU A 330 20.47 -13.59 15.61
C LEU A 330 21.98 -13.78 15.77
N LYS A 331 22.37 -14.84 16.47
CA LYS A 331 23.78 -15.11 16.75
C LYS A 331 24.65 -15.10 15.50
N ASN A 332 24.05 -15.42 14.34
CA ASN A 332 24.79 -15.44 13.09
C ASN A 332 25.07 -14.04 12.53
N GLY A 333 24.51 -13.02 13.17
CA GLY A 333 24.72 -11.63 12.77
C GLY A 333 23.75 -11.09 11.74
N ARG A 334 22.94 -11.98 11.17
CA ARG A 334 21.89 -11.57 10.24
C ARG A 334 20.64 -11.18 11.02
N ARG A 335 19.83 -10.31 10.43
CA ARG A 335 18.72 -9.69 11.12
C ARG A 335 17.36 -10.10 10.53
N ILE A 336 16.35 -10.16 11.40
CA ILE A 336 15.00 -10.55 11.04
C ILE A 336 14.01 -9.45 11.40
N ILE A 337 13.26 -8.97 10.41
CA ILE A 337 12.21 -8.00 10.65
C ILE A 337 10.89 -8.74 10.90
N LEU A 338 10.30 -8.51 12.07
CA LEU A 338 9.01 -9.10 12.40
C LEU A 338 7.93 -8.03 12.35
N LEU A 339 6.74 -8.39 11.87
CA LEU A 339 5.64 -7.43 11.78
C LEU A 339 4.47 -7.76 12.71
N ALA A 340 4.12 -6.78 13.54
CA ALA A 340 2.98 -6.84 14.44
C ALA A 340 3.03 -8.00 15.43
N GLU A 341 4.22 -8.29 15.95
CA GLU A 341 4.40 -9.35 16.95
C GLU A 341 3.75 -10.66 16.49
N GLY A 342 3.71 -10.87 15.18
CA GLY A 342 3.18 -12.11 14.62
C GLY A 342 1.68 -12.12 14.43
N ARG A 343 1.00 -11.06 14.89
CA ARG A 343 -0.43 -10.91 14.63
C ARG A 343 -0.69 -10.64 13.15
N LEU A 344 -1.95 -10.72 12.73
CA LEU A 344 -2.26 -10.56 11.32
C LEU A 344 -1.92 -9.13 10.87
N VAL A 345 -1.15 -9.07 9.79
CA VAL A 345 -0.43 -7.86 9.40
C VAL A 345 -1.26 -6.87 8.58
N ASN A 346 -2.32 -7.34 7.93
CA ASN A 346 -3.13 -6.45 7.11
C ASN A 346 -3.90 -5.46 7.99
N LEU A 347 -4.36 -5.91 9.16
CA LEU A 347 -5.06 -5.04 10.10
C LEU A 347 -4.10 -4.47 11.15
N GLY A 348 -3.03 -5.21 11.42
CA GLY A 348 -2.05 -4.78 12.40
C GLY A 348 -1.28 -3.55 11.97
N CYS A 349 -0.82 -3.55 10.72
CA CYS A 349 0.05 -2.49 10.20
C CYS A 349 -0.65 -1.63 9.17
N ALA A 350 -1.90 -1.96 8.88
CA ALA A 350 -2.70 -1.17 7.94
C ALA A 350 -4.18 -1.27 8.33
N MET A 351 -5.05 -0.84 7.41
CA MET A 351 -6.47 -0.68 7.71
C MET A 351 -7.30 -1.91 7.35
N GLY A 352 -6.64 -3.01 7.02
CA GLY A 352 -7.32 -4.23 6.64
C GLY A 352 -7.85 -4.19 5.21
N HIS A 353 -8.93 -4.93 4.97
CA HIS A 353 -9.56 -4.95 3.68
C HIS A 353 -10.21 -3.61 3.40
N PRO A 354 -10.28 -3.22 2.11
CA PRO A 354 -11.10 -2.07 1.70
C PRO A 354 -12.58 -2.32 1.99
N SER A 355 -13.32 -1.25 2.21
CA SER A 355 -14.70 -1.35 2.68
C SER A 355 -15.63 -2.01 1.68
N PHE A 356 -15.30 -1.92 0.39
CA PHE A 356 -16.19 -2.46 -0.63
C PHE A 356 -16.35 -3.99 -0.55
N VAL A 357 -15.26 -4.71 -0.35
CA VAL A 357 -15.36 -6.16 -0.27
C VAL A 357 -15.91 -6.57 1.09
N MET A 358 -15.62 -5.78 2.12
CA MET A 358 -16.16 -6.04 3.46
C MET A 358 -17.67 -5.91 3.48
N SER A 359 -18.21 -5.12 2.56
CA SER A 359 -19.65 -4.99 2.40
C SER A 359 -20.30 -6.34 2.08
N ASN A 360 -19.59 -7.17 1.32
CA ASN A 360 -20.06 -8.52 1.05
C ASN A 360 -20.07 -9.36 2.31
N SER A 361 -18.95 -9.35 3.03
CA SER A 361 -18.84 -10.07 4.29
C SER A 361 -19.93 -9.67 5.25
N PHE A 362 -20.13 -8.35 5.38
CA PHE A 362 -21.01 -7.80 6.39
C PHE A 362 -22.48 -7.84 5.99
N THR A 363 -22.78 -7.84 4.70
CA THR A 363 -24.16 -8.05 4.27
C THR A 363 -24.59 -9.47 4.65
N ASN A 364 -23.72 -10.45 4.40
CA ASN A 364 -23.97 -11.84 4.81
C ASN A 364 -24.18 -11.96 6.31
N GLN A 365 -23.45 -11.14 7.07
CA GLN A 365 -23.57 -11.12 8.52
C GLN A 365 -24.95 -10.62 8.94
N VAL A 366 -25.33 -9.45 8.44
CA VAL A 366 -26.63 -8.88 8.76
C VAL A 366 -27.74 -9.89 8.43
N MET A 367 -27.65 -10.53 7.27
CA MET A 367 -28.64 -11.50 6.83
C MET A 367 -28.73 -12.68 7.77
N ALA A 368 -27.58 -13.14 8.23
CA ALA A 368 -27.53 -14.28 9.14
C ALA A 368 -28.18 -13.91 10.47
N GLN A 369 -27.97 -12.67 10.89
CA GLN A 369 -28.54 -12.20 12.15
C GLN A 369 -30.06 -12.10 12.05
N ILE A 370 -30.56 -11.64 10.92
CA ILE A 370 -31.99 -11.62 10.67
C ILE A 370 -32.52 -13.05 10.60
N GLU A 371 -31.74 -13.94 10.00
CA GLU A 371 -32.17 -15.32 9.82
C GLU A 371 -32.29 -16.05 11.15
N LEU A 372 -31.35 -15.79 12.04
CA LEU A 372 -31.34 -16.44 13.35
C LEU A 372 -32.35 -15.82 14.28
N TRP A 373 -32.41 -14.49 14.27
CA TRP A 373 -33.32 -13.78 15.15
C TRP A 373 -34.78 -14.06 14.80
N THR A 374 -35.10 -14.00 13.52
CA THR A 374 -36.49 -14.06 13.09
C THR A 374 -36.93 -15.41 12.53
N HIS A 375 -36.01 -16.35 12.35
CA HIS A 375 -36.38 -17.71 11.91
C HIS A 375 -35.66 -18.78 12.72
N PRO A 376 -35.77 -18.73 14.05
CA PRO A 376 -35.03 -19.65 14.92
C PRO A 376 -35.31 -21.09 14.57
N ASP A 377 -36.58 -21.37 14.27
CA ASP A 377 -37.04 -22.71 13.99
C ASP A 377 -36.38 -23.31 12.75
N LYS A 378 -35.92 -22.46 11.83
CA LYS A 378 -35.19 -22.95 10.68
C LYS A 378 -33.88 -23.57 11.11
N TYR A 379 -33.30 -23.04 12.19
CA TYR A 379 -31.93 -23.37 12.57
C TYR A 379 -31.84 -24.06 13.94
N PRO A 380 -31.78 -25.40 13.94
CA PRO A 380 -31.54 -26.15 15.18
C PRO A 380 -30.06 -26.16 15.51
N VAL A 381 -29.71 -26.44 16.76
CA VAL A 381 -28.30 -26.45 17.15
C VAL A 381 -27.48 -27.25 16.14
N GLY A 382 -26.49 -26.58 15.55
CA GLY A 382 -25.72 -27.14 14.46
C GLY A 382 -24.89 -26.02 13.84
N VAL A 383 -24.34 -26.28 12.66
CA VAL A 383 -23.59 -25.30 11.90
C VAL A 383 -24.17 -25.22 10.50
N HIS A 384 -24.76 -24.07 10.16
CA HIS A 384 -25.57 -23.96 8.94
C HIS A 384 -25.03 -22.96 7.94
N PHE A 385 -25.41 -23.15 6.68
CA PHE A 385 -25.08 -22.20 5.62
C PHE A 385 -26.28 -21.33 5.30
N LEU A 386 -26.02 -20.12 4.83
CA LEU A 386 -27.09 -19.30 4.26
C LEU A 386 -27.56 -19.95 2.97
N PRO A 387 -28.85 -19.81 2.63
CA PRO A 387 -29.33 -20.27 1.32
C PRO A 387 -28.56 -19.64 0.17
N LYS A 388 -28.41 -20.36 -0.94
CA LYS A 388 -27.69 -19.82 -2.10
C LYS A 388 -28.40 -18.59 -2.65
N LYS A 389 -29.70 -18.53 -2.46
CA LYS A 389 -30.52 -17.40 -2.93
C LYS A 389 -30.05 -16.10 -2.28
N LEU A 390 -29.85 -16.13 -0.96
CA LEU A 390 -29.41 -14.96 -0.23
C LEU A 390 -27.97 -14.61 -0.58
N ASP A 391 -27.16 -15.65 -0.80
CA ASP A 391 -25.79 -15.50 -1.27
C ASP A 391 -25.76 -14.72 -2.58
N GLU A 392 -26.54 -15.17 -3.55
CA GLU A 392 -26.62 -14.51 -4.85
C GLU A 392 -27.19 -13.11 -4.71
N ALA A 393 -28.06 -12.91 -3.74
CA ALA A 393 -28.63 -11.58 -3.50
C ALA A 393 -27.54 -10.60 -3.07
N VAL A 394 -26.64 -11.03 -2.20
CA VAL A 394 -25.52 -10.19 -1.76
C VAL A 394 -24.74 -9.67 -2.97
N ALA A 395 -24.32 -10.59 -3.84
CA ALA A 395 -23.54 -10.24 -5.03
C ALA A 395 -24.30 -9.24 -5.89
N CYS A 396 -25.60 -9.49 -6.07
CA CYS A 396 -26.42 -8.65 -6.92
C CYS A 396 -26.50 -7.22 -6.38
N ALA A 397 -26.35 -7.07 -5.07
CA ALA A 397 -26.44 -5.76 -4.43
C ALA A 397 -25.21 -4.89 -4.70
N HIS A 398 -24.11 -5.52 -5.11
CA HIS A 398 -22.87 -4.80 -5.34
C HIS A 398 -22.56 -4.64 -6.84
N LEU A 399 -23.44 -5.15 -7.69
CA LEU A 399 -23.21 -5.07 -9.12
C LEU A 399 -23.44 -3.66 -9.64
N GLY A 400 -24.43 -2.98 -9.05
CA GLY A 400 -24.80 -1.65 -9.49
C GLY A 400 -23.67 -0.67 -9.37
N LYS A 401 -23.03 -0.62 -8.19
CA LYS A 401 -21.95 0.33 -7.95
C LYS A 401 -20.80 0.15 -8.91
N LEU A 402 -20.53 -1.10 -9.29
CA LEU A 402 -19.49 -1.39 -10.27
C LEU A 402 -20.01 -1.22 -11.68
N ASN A 403 -21.30 -0.95 -11.81
CA ASN A 403 -21.91 -0.67 -13.11
C ASN A 403 -21.84 -1.91 -14.00
N VAL A 404 -22.01 -3.07 -13.39
CA VAL A 404 -22.11 -4.33 -14.12
C VAL A 404 -23.53 -4.45 -14.67
N LYS A 405 -23.64 -4.92 -15.92
CA LYS A 405 -24.93 -5.19 -16.55
C LYS A 405 -25.13 -6.70 -16.71
N LEU A 406 -26.03 -7.26 -15.90
CA LEU A 406 -26.25 -8.70 -15.86
C LEU A 406 -27.23 -9.16 -16.95
N THR A 407 -26.99 -10.33 -17.52
CA THR A 407 -27.89 -10.87 -18.54
C THR A 407 -29.06 -11.59 -17.89
OH ALY A 408 -30.88 -10.40 -11.84
CH ALY A 408 -30.99 -9.56 -12.76
CH3 ALY A 408 -30.36 -8.19 -12.64
NZ ALY A 408 -31.68 -9.89 -13.92
CE ALY A 408 -31.91 -9.05 -15.06
CD ALY A 408 -31.72 -9.79 -16.39
CG ALY A 408 -32.91 -10.66 -16.72
CB ALY A 408 -32.72 -11.37 -18.05
CA ALY A 408 -31.42 -12.20 -18.09
N ALY A 408 -30.22 -11.51 -18.54
C ALY A 408 -31.68 -13.35 -19.05
O ALY A 408 -31.57 -13.26 -20.26
HH31 ALY A 408 -31.17 -7.42 -12.71
HH32 ALY A 408 -29.63 -8.01 -13.46
HH33 ALY A 408 -29.84 -8.07 -11.65
HZ ALY A 408 -32.08 -10.80 -13.95
HE3 ALY A 408 -31.21 -8.17 -15.02
HE2 ALY A 408 -32.98 -8.67 -15.02
HD3 ALY A 408 -30.80 -10.43 -16.33
HD2 ALY A 408 -31.55 -9.06 -17.22
HG3 ALY A 408 -33.83 -10.03 -16.76
HG2 ALY A 408 -33.06 -11.43 -15.92
HB3 ALY A 408 -32.66 -10.61 -18.87
HB2 ALY A 408 -33.59 -12.04 -18.26
HA ALY A 408 -31.21 -12.62 -17.06
N LEU A 409 -32.03 -14.48 -18.46
CA LEU A 409 -32.41 -15.64 -19.24
C LEU A 409 -33.71 -15.39 -19.95
N THR A 410 -33.85 -15.87 -21.18
CA THR A 410 -35.16 -15.94 -21.83
C THR A 410 -35.88 -17.14 -21.25
N GLU A 411 -37.19 -17.21 -21.45
CA GLU A 411 -37.98 -18.30 -20.88
C GLU A 411 -37.55 -19.63 -21.50
N LYS A 412 -37.18 -19.59 -22.79
CA LYS A 412 -36.68 -20.77 -23.49
C LYS A 412 -35.34 -21.22 -22.91
N GLN A 413 -34.41 -20.27 -22.80
CA GLN A 413 -33.08 -20.53 -22.23
C GLN A 413 -33.18 -21.16 -20.86
N ALA A 414 -34.02 -20.58 -20.00
CA ALA A 414 -34.23 -21.09 -18.66
C ALA A 414 -34.78 -22.51 -18.72
N GLN A 415 -35.82 -22.69 -19.53
CA GLN A 415 -36.47 -23.99 -19.65
C GLN A 415 -35.49 -25.03 -20.18
N TYR A 416 -34.68 -24.64 -21.17
CA TYR A 416 -33.61 -25.49 -21.68
C TYR A 416 -32.66 -25.89 -20.56
N LEU A 417 -32.31 -24.93 -19.72
CA LEU A 417 -31.39 -25.19 -18.62
C LEU A 417 -32.11 -25.81 -17.43
N GLY A 418 -33.44 -25.84 -17.47
CA GLY A 418 -34.22 -26.38 -16.37
C GLY A 418 -33.87 -25.64 -15.10
N MET A 419 -34.35 -24.40 -15.01
CA MET A 419 -33.79 -23.45 -14.08
C MET A 419 -34.72 -22.26 -13.95
N SER A 420 -34.89 -21.74 -12.74
CA SER A 420 -35.65 -20.52 -12.55
C SER A 420 -34.87 -19.35 -13.12
N CYS A 421 -35.60 -18.38 -13.68
CA CYS A 421 -34.98 -17.13 -14.13
C CYS A 421 -34.42 -16.34 -12.94
N ASP A 422 -34.90 -16.68 -11.74
CA ASP A 422 -34.61 -15.88 -10.55
C ASP A 422 -34.36 -16.72 -9.30
N GLY A 423 -33.53 -17.73 -9.41
CA GLY A 423 -33.22 -18.52 -8.24
C GLY A 423 -32.07 -19.37 -8.62
N PRO A 424 -31.38 -19.92 -7.61
CA PRO A 424 -30.01 -20.37 -7.71
C PRO A 424 -29.64 -20.87 -9.10
N PHE A 425 -28.77 -20.11 -9.75
CA PHE A 425 -28.31 -20.43 -11.09
C PHE A 425 -27.28 -21.57 -11.05
N LYS A 426 -26.97 -22.05 -9.84
CA LYS A 426 -25.98 -23.09 -9.64
C LYS A 426 -26.46 -24.13 -8.64
N PRO A 427 -25.97 -25.38 -8.77
CA PRO A 427 -26.23 -26.38 -7.73
C PRO A 427 -25.40 -26.13 -6.48
N ASP A 428 -25.78 -26.74 -5.37
CA ASP A 428 -25.10 -26.50 -4.09
C ASP A 428 -23.60 -26.69 -4.16
N HIS A 429 -23.19 -27.83 -4.71
CA HIS A 429 -21.79 -28.21 -4.73
C HIS A 429 -20.93 -27.36 -5.67
N TYR A 430 -21.54 -26.42 -6.38
CA TYR A 430 -20.77 -25.59 -7.30
C TYR A 430 -19.72 -24.79 -6.53
N ARG A 431 -18.51 -24.72 -7.07
CA ARG A 431 -17.37 -24.16 -6.36
C ARG A 431 -16.89 -22.81 -6.87
N TYR A 432 -17.53 -22.30 -7.93
CA TYR A 432 -17.17 -21.00 -8.50
C TYR A 432 -15.66 -20.82 -8.69
N LEU B 5 22.30 30.10 10.27
CA LEU B 5 21.36 28.98 10.23
C LEU B 5 22.04 27.69 9.80
N PRO B 6 22.21 26.75 10.73
CA PRO B 6 22.88 25.46 10.47
C PRO B 6 21.99 24.49 9.71
N TYR B 7 20.67 24.63 9.86
CA TYR B 7 19.70 23.79 9.16
C TYR B 7 18.28 24.26 9.46
N LYS B 8 17.31 23.53 8.94
CA LYS B 8 15.90 23.79 9.24
C LYS B 8 15.08 22.52 8.99
N VAL B 9 14.42 22.05 10.03
CA VAL B 9 13.63 20.82 9.96
C VAL B 9 12.38 20.96 10.82
N ALA B 10 11.50 19.96 10.76
CA ALA B 10 10.27 19.96 11.52
C ALA B 10 10.53 19.54 12.98
N ASP B 11 11.40 18.55 13.16
CA ASP B 11 11.70 18.03 14.50
C ASP B 11 13.02 17.26 14.48
N ILE B 12 13.96 17.67 15.34
CA ILE B 12 15.24 16.99 15.46
C ILE B 12 15.15 15.80 16.41
N GLY B 13 14.06 15.75 17.18
CA GLY B 13 13.80 14.63 18.07
C GLY B 13 13.49 13.36 17.33
N LEU B 14 13.21 13.47 16.03
CA LEU B 14 12.91 12.32 15.18
C LEU B 14 14.18 11.70 14.59
N ALA B 15 15.32 12.33 14.82
CA ALA B 15 16.59 11.89 14.24
C ALA B 15 16.95 10.46 14.63
N ALA B 16 16.56 10.07 15.84
CA ALA B 16 16.84 8.73 16.35
C ALA B 16 16.10 7.68 15.53
N TRP B 17 14.78 7.85 15.42
CA TRP B 17 13.94 7.01 14.57
C TRP B 17 14.44 7.06 13.13
N GLY B 18 14.87 8.25 12.71
CA GLY B 18 15.43 8.45 11.39
C GLY B 18 16.65 7.58 11.14
N ARG B 19 17.56 7.52 12.11
CA ARG B 19 18.78 6.73 11.97
C ARG B 19 18.48 5.24 11.78
N LYS B 20 17.46 4.74 12.48
CA LYS B 20 17.03 3.35 12.30
C LYS B 20 16.66 3.08 10.85
N ALA B 21 15.79 3.92 10.30
CA ALA B 21 15.31 3.77 8.92
C ALA B 21 16.45 3.78 7.90
N LEU B 22 17.46 4.61 8.15
CA LEU B 22 18.63 4.69 7.28
C LEU B 22 19.41 3.38 7.28
N ASP B 23 19.66 2.83 8.47
CA ASP B 23 20.38 1.57 8.61
C ASP B 23 19.68 0.46 7.82
N ILE B 24 18.35 0.50 7.81
CA ILE B 24 17.55 -0.45 7.06
C ILE B 24 17.64 -0.13 5.59
N ALA B 25 17.54 1.14 5.26
CA ALA B 25 17.61 1.62 3.89
C ALA B 25 18.93 1.22 3.26
N GLU B 26 20.01 1.41 4.00
CA GLU B 26 21.34 1.09 3.51
C GLU B 26 21.39 -0.34 2.99
N ASN B 27 20.74 -1.25 3.71
CA ASN B 27 20.78 -2.66 3.36
C ASN B 27 19.99 -2.95 2.08
N GLU B 28 19.19 -1.98 1.66
CA GLU B 28 18.38 -2.12 0.45
C GLU B 28 18.98 -1.34 -0.71
N MET B 29 20.11 -0.68 -0.48
CA MET B 29 20.72 0.15 -1.50
C MET B 29 22.19 -0.22 -1.73
N PRO B 30 22.41 -1.45 -2.23
CA PRO B 30 23.77 -1.96 -2.45
C PRO B 30 24.56 -1.07 -3.38
N GLY B 31 23.94 -0.66 -4.48
CA GLY B 31 24.57 0.22 -5.45
C GLY B 31 25.28 1.40 -4.81
N LEU B 32 24.63 2.05 -3.86
CA LEU B 32 25.23 3.19 -3.17
C LEU B 32 26.30 2.74 -2.19
N MET B 33 26.17 1.53 -1.66
CA MET B 33 27.13 1.03 -0.69
C MET B 33 28.44 0.61 -1.33
N ARG B 34 28.38 0.13 -2.58
CA ARG B 34 29.60 -0.18 -3.32
C ARG B 34 30.43 1.08 -3.53
N MET B 35 29.74 2.19 -3.82
CA MET B 35 30.40 3.47 -4.03
C MET B 35 31.16 3.90 -2.79
N ARG B 36 30.56 3.68 -1.61
CA ARG B 36 31.25 3.97 -0.35
C ARG B 36 32.43 3.02 -0.19
N GLU B 37 32.16 1.73 -0.43
CA GLU B 37 33.17 0.67 -0.36
C GLU B 37 34.40 0.96 -1.24
N ARG B 38 34.18 1.74 -2.30
CA ARG B 38 35.16 1.91 -3.36
C ARG B 38 35.86 3.26 -3.36
N TYR B 39 35.19 4.28 -2.81
CA TYR B 39 35.70 5.67 -2.87
C TYR B 39 35.87 6.34 -1.50
N SER B 40 35.75 5.59 -0.42
CA SER B 40 35.95 6.15 0.91
C SER B 40 37.38 6.69 1.08
N ALA B 41 38.36 5.81 0.87
CA ALA B 41 39.76 6.18 1.04
C ALA B 41 40.25 7.10 -0.08
N SER B 42 39.44 7.26 -1.12
CA SER B 42 39.84 7.99 -2.32
C SER B 42 39.37 9.45 -2.32
N LYS B 43 38.16 9.68 -1.78
CA LYS B 43 37.56 11.02 -1.71
C LYS B 43 37.67 11.79 -3.01
N PRO B 44 37.08 11.26 -4.09
CA PRO B 44 37.14 11.92 -5.40
C PRO B 44 36.50 13.30 -5.34
N LEU B 45 35.35 13.37 -4.66
CA LEU B 45 34.58 14.60 -4.58
C LEU B 45 35.23 15.63 -3.66
N LYS B 46 36.47 15.37 -3.24
CA LYS B 46 37.22 16.32 -2.42
C LYS B 46 37.32 17.67 -3.14
N GLY B 47 36.76 18.69 -2.49
CA GLY B 47 36.73 20.04 -3.03
C GLY B 47 35.32 20.48 -3.38
N ALA B 48 34.46 19.50 -3.66
CA ALA B 48 33.11 19.78 -4.15
C ALA B 48 32.17 20.22 -3.04
N ARG B 49 31.39 21.26 -3.33
CA ARG B 49 30.32 21.72 -2.46
C ARG B 49 29.00 21.58 -3.24
N ILE B 50 28.27 20.52 -2.93
CA ILE B 50 27.11 20.11 -3.73
C ILE B 50 25.78 20.58 -3.13
N ALA B 51 25.19 21.59 -3.75
CA ALA B 51 23.88 22.08 -3.36
C ALA B 51 22.78 21.21 -3.99
N GLY B 52 22.08 20.47 -3.15
CA GLY B 52 21.07 19.54 -3.62
C GLY B 52 19.67 20.09 -3.47
N CYS B 53 18.82 19.71 -4.42
CA CYS B 53 17.41 20.05 -4.36
C CYS B 53 16.58 18.84 -4.80
N LEU B 54 16.59 17.80 -3.97
CA LEU B 54 15.77 16.61 -4.18
C LEU B 54 14.85 16.39 -3.00
N HIS B 55 13.85 15.54 -3.19
CA HIS B 55 12.93 15.19 -2.12
C HIS B 55 13.72 14.69 -0.91
N MET B 56 13.59 15.38 0.22
CA MET B 56 14.35 15.00 1.40
C MET B 56 13.68 13.83 2.13
N THR B 57 14.08 12.62 1.76
CA THR B 57 13.50 11.40 2.30
C THR B 57 14.58 10.43 2.78
N VAL B 58 14.14 9.34 3.40
CA VAL B 58 15.03 8.28 3.89
C VAL B 58 16.03 7.85 2.82
N GLU B 59 15.52 7.72 1.60
CA GLU B 59 16.34 7.30 0.47
C GLU B 59 17.39 8.37 0.14
N THR B 60 16.97 9.63 0.13
CA THR B 60 17.86 10.74 -0.18
C THR B 60 18.93 10.90 0.89
N ALA B 61 18.54 10.67 2.14
CA ALA B 61 19.45 10.73 3.27
C ALA B 61 20.67 9.85 3.01
N VAL B 62 20.45 8.65 2.49
CA VAL B 62 21.54 7.72 2.24
C VAL B 62 22.40 8.21 1.08
N LEU B 63 21.77 8.86 0.11
CA LEU B 63 22.48 9.46 -1.02
C LEU B 63 23.41 10.55 -0.52
N ILE B 64 22.84 11.50 0.23
CA ILE B 64 23.60 12.59 0.84
C ILE B 64 24.82 12.07 1.59
N GLU B 65 24.61 11.06 2.44
CA GLU B 65 25.67 10.50 3.24
C GLU B 65 26.76 9.87 2.37
N THR B 66 26.34 9.24 1.28
CA THR B 66 27.29 8.63 0.35
C THR B 66 28.19 9.71 -0.25
N LEU B 67 27.56 10.81 -0.69
CA LEU B 67 28.29 11.94 -1.26
C LEU B 67 29.35 12.44 -0.30
N VAL B 68 29.00 12.45 0.99
CA VAL B 68 29.93 12.90 2.03
C VAL B 68 31.06 11.88 2.24
N THR B 69 30.73 10.60 2.23
CA THR B 69 31.73 9.54 2.33
C THR B 69 32.80 9.70 1.26
N LEU B 70 32.41 10.28 0.14
CA LEU B 70 33.33 10.57 -0.96
C LEU B 70 34.00 11.94 -0.77
N GLY B 71 33.72 12.57 0.36
CA GLY B 71 34.39 13.80 0.77
C GLY B 71 33.88 15.05 0.08
N ALA B 72 32.71 15.53 0.48
CA ALA B 72 32.13 16.72 -0.14
C ALA B 72 31.10 17.38 0.76
N GLU B 73 31.17 18.71 0.86
CA GLU B 73 30.18 19.47 1.61
C GLU B 73 28.86 19.43 0.86
N VAL B 74 27.76 19.38 1.60
CA VAL B 74 26.44 19.26 1.00
C VAL B 74 25.39 20.02 1.79
N GLN B 75 24.64 20.86 1.09
CA GLN B 75 23.45 21.52 1.64
C GLN B 75 22.24 21.09 0.81
N TRP B 76 21.10 20.90 1.47
CA TRP B 76 19.95 20.27 0.82
C TRP B 76 18.63 20.98 1.08
N SER B 77 17.82 21.08 0.04
CA SER B 77 16.43 21.51 0.16
C SER B 77 15.56 20.45 -0.49
N SER B 78 14.24 20.56 -0.27
CA SER B 78 13.30 19.68 -0.92
C SER B 78 12.69 20.37 -2.13
N CYS B 79 12.44 19.60 -3.18
CA CYS B 79 11.92 20.13 -4.44
C CYS B 79 10.39 20.19 -4.51
N ASN B 80 9.73 19.42 -3.64
CA ASN B 80 8.28 19.45 -3.51
C ASN B 80 7.92 19.86 -2.09
N ILE B 81 6.74 20.44 -1.91
CA ILE B 81 6.39 21.06 -0.64
C ILE B 81 5.73 20.11 0.36
N PHE B 82 5.58 18.83 -0.01
CA PHE B 82 4.97 17.85 0.90
C PHE B 82 5.62 16.48 0.79
N SER B 83 6.70 16.40 0.03
CA SER B 83 7.39 15.14 -0.21
C SER B 83 8.29 14.76 0.96
N THR B 84 8.87 15.77 1.60
CA THR B 84 9.83 15.58 2.68
C THR B 84 9.32 14.64 3.75
N GLN B 85 10.21 13.82 4.29
CA GLN B 85 9.92 12.95 5.41
C GLN B 85 10.66 13.48 6.64
N ASN B 86 9.89 13.90 7.64
CA ASN B 86 10.44 14.61 8.78
C ASN B 86 11.62 13.91 9.45
N HIS B 87 11.45 12.63 9.76
CA HIS B 87 12.48 11.90 10.51
C HIS B 87 13.75 11.69 9.70
N ALA B 88 13.62 11.66 8.38
CA ALA B 88 14.78 11.53 7.51
C ALA B 88 15.55 12.85 7.43
N ALA B 89 14.81 13.95 7.38
CA ALA B 89 15.42 15.27 7.38
C ALA B 89 16.09 15.53 8.72
N ALA B 90 15.60 14.87 9.76
CA ALA B 90 16.14 15.01 11.09
C ALA B 90 17.49 14.31 11.24
N ALA B 91 17.57 13.07 10.75
CA ALA B 91 18.78 12.27 10.89
C ALA B 91 19.95 12.87 10.13
N ILE B 92 19.66 13.58 9.05
CA ILE B 92 20.69 14.24 8.26
C ILE B 92 21.11 15.55 8.92
N ALA B 93 20.15 16.23 9.53
CA ALA B 93 20.43 17.46 10.28
C ALA B 93 21.30 17.14 11.48
N LYS B 94 20.97 16.03 12.14
CA LYS B 94 21.69 15.62 13.35
C LYS B 94 23.10 15.12 13.01
N ALA B 95 23.36 14.83 11.74
CA ALA B 95 24.67 14.34 11.31
C ALA B 95 25.62 15.48 10.98
N GLY B 96 25.14 16.71 11.06
CA GLY B 96 25.95 17.88 10.79
C GLY B 96 26.00 18.23 9.31
N ILE B 97 24.83 18.28 8.69
CA ILE B 97 24.71 18.58 7.26
C ILE B 97 23.53 19.56 7.06
N PRO B 98 23.81 20.75 6.50
CA PRO B 98 22.72 21.73 6.41
C PRO B 98 21.56 21.32 5.49
N VAL B 99 20.46 20.88 6.09
CA VAL B 99 19.25 20.53 5.33
C VAL B 99 18.12 21.50 5.68
N TYR B 100 17.44 21.98 4.64
CA TYR B 100 16.35 22.93 4.80
C TYR B 100 15.10 22.39 4.11
N ALA B 101 14.31 21.63 4.87
CA ALA B 101 13.13 20.98 4.31
C ALA B 101 12.24 20.40 5.41
N TRP B 102 10.95 20.31 5.11
CA TRP B 102 10.00 19.68 6.02
C TRP B 102 8.69 19.41 5.29
N LYS B 103 7.84 18.57 5.89
CA LYS B 103 6.59 18.16 5.27
C LYS B 103 5.46 19.14 5.59
N GLY B 104 5.19 20.07 4.68
CA GLY B 104 4.11 21.03 4.84
C GLY B 104 4.49 22.44 4.48
N GLU B 105 5.57 22.60 3.72
CA GLU B 105 6.07 23.92 3.34
C GLU B 105 5.02 24.70 2.55
N THR B 106 5.06 26.03 2.68
CA THR B 106 4.29 26.91 1.81
C THR B 106 5.17 27.27 0.61
N ASP B 107 4.61 27.95 -0.37
CA ASP B 107 5.37 28.30 -1.57
C ASP B 107 6.54 29.24 -1.25
N GLU B 108 6.31 30.17 -0.32
CA GLU B 108 7.36 31.11 0.06
C GLU B 108 8.43 30.39 0.87
N GLU B 109 8.00 29.51 1.75
CA GLU B 109 8.92 28.73 2.57
C GLU B 109 9.71 27.73 1.74
N TYR B 110 9.15 27.34 0.61
CA TYR B 110 9.83 26.43 -0.31
C TYR B 110 10.99 27.12 -1.01
N LEU B 111 10.73 28.31 -1.53
CA LEU B 111 11.74 29.12 -2.19
C LEU B 111 12.83 29.55 -1.19
N TRP B 112 12.41 29.77 0.05
CA TRP B 112 13.31 30.19 1.11
C TRP B 112 14.35 29.12 1.45
N CYS B 113 13.96 27.84 1.32
CA CYS B 113 14.83 26.72 1.66
C CYS B 113 15.94 26.51 0.63
N ILE B 114 15.62 26.74 -0.64
CA ILE B 114 16.59 26.56 -1.73
C ILE B 114 17.69 27.60 -1.62
N GLU B 115 17.37 28.75 -1.05
CA GLU B 115 18.30 29.87 -0.94
C GLU B 115 19.40 29.61 0.09
N GLN B 116 19.04 28.96 1.19
CA GLN B 116 20.01 28.64 2.22
C GLN B 116 21.07 27.68 1.68
N THR B 117 20.68 26.87 0.70
CA THR B 117 21.56 25.83 0.17
C THR B 117 22.60 26.35 -0.81
N LEU B 118 22.54 27.64 -1.13
CA LEU B 118 23.42 28.20 -2.16
C LEU B 118 24.82 28.59 -1.61
N TYR B 119 24.87 29.13 -0.40
CA TYR B 119 26.14 29.59 0.17
C TYR B 119 26.62 28.71 1.32
N PHE B 120 27.85 28.22 1.17
CA PHE B 120 28.49 27.39 2.19
C PHE B 120 29.38 28.23 3.11
N LYS B 121 30.03 27.57 4.06
CA LYS B 121 30.96 28.23 4.97
C LYS B 121 32.17 28.76 4.21
N ASP B 122 32.60 28.03 3.19
CA ASP B 122 33.78 28.39 2.40
C ASP B 122 33.41 28.75 0.97
N GLY B 123 32.42 29.63 0.83
CA GLY B 123 32.04 30.17 -0.47
C GLY B 123 30.76 29.57 -1.04
N PRO B 124 30.33 30.09 -2.21
CA PRO B 124 29.11 29.58 -2.87
C PRO B 124 29.27 28.15 -3.41
N LEU B 125 28.19 27.62 -3.99
CA LEU B 125 28.16 26.26 -4.47
C LEU B 125 28.97 26.08 -5.76
N ASN B 126 29.48 24.87 -5.98
CA ASN B 126 30.17 24.55 -7.22
C ASN B 126 29.56 23.33 -7.94
N MET B 127 28.51 22.76 -7.37
CA MET B 127 27.81 21.64 -7.98
C MET B 127 26.32 21.68 -7.66
N ILE B 128 25.50 21.43 -8.68
CA ILE B 128 24.06 21.30 -8.50
C ILE B 128 23.68 19.82 -8.59
N LEU B 129 22.69 19.43 -7.80
CA LEU B 129 22.08 18.13 -7.92
C LEU B 129 20.58 18.35 -7.82
N ASP B 130 19.96 18.44 -9.00
CA ASP B 130 18.59 18.94 -9.11
C ASP B 130 17.64 17.85 -9.61
N ASP B 131 16.35 18.12 -9.50
CA ASP B 131 15.35 17.34 -10.21
C ASP B 131 14.13 18.22 -10.51
N GLY B 132 13.84 18.41 -11.79
CA GLY B 132 12.81 19.34 -12.22
C GLY B 132 13.46 20.64 -12.64
N GLY B 133 14.61 20.93 -12.04
CA GLY B 133 15.43 22.05 -12.44
C GLY B 133 15.06 23.35 -11.77
N ASP B 134 14.49 23.29 -10.57
CA ASP B 134 14.16 24.50 -9.81
C ASP B 134 15.42 25.22 -9.34
N LEU B 135 16.38 24.45 -8.83
CA LEU B 135 17.66 24.98 -8.38
C LEU B 135 18.50 25.43 -9.56
N THR B 136 18.25 24.83 -10.72
CA THR B 136 18.94 25.18 -11.94
C THR B 136 18.40 26.50 -12.48
N ASN B 137 17.08 26.59 -12.57
CA ASN B 137 16.42 27.79 -13.08
C ASN B 137 16.56 28.97 -12.14
N LEU B 138 16.66 28.68 -10.84
CA LEU B 138 16.83 29.74 -9.85
C LEU B 138 18.18 30.40 -10.00
N ILE B 139 19.24 29.58 -10.03
CA ILE B 139 20.60 30.10 -10.13
C ILE B 139 20.83 30.78 -11.48
N HIS B 140 20.06 30.39 -12.49
CA HIS B 140 20.18 31.01 -13.80
C HIS B 140 19.44 32.34 -13.88
N THR B 141 18.36 32.47 -13.10
CA THR B 141 17.50 33.67 -13.16
C THR B 141 17.80 34.69 -12.05
N LYS B 142 18.10 34.20 -10.85
CA LYS B 142 18.30 35.07 -9.69
C LYS B 142 19.78 35.31 -9.36
N TYR B 143 20.63 34.29 -9.58
CA TYR B 143 22.04 34.35 -9.19
C TYR B 143 22.99 33.97 -10.32
N PRO B 144 22.86 34.64 -11.49
CA PRO B 144 23.71 34.32 -12.64
C PRO B 144 25.19 34.58 -12.40
N GLN B 145 25.51 35.33 -11.35
CA GLN B 145 26.90 35.61 -11.00
C GLN B 145 27.60 34.39 -10.43
N LEU B 146 26.81 33.42 -9.99
CA LEU B 146 27.34 32.20 -9.39
C LEU B 146 27.49 31.07 -10.40
N LEU B 147 26.95 31.28 -11.60
CA LEU B 147 27.01 30.28 -12.68
C LEU B 147 28.44 29.93 -13.13
N PRO B 148 29.33 30.93 -13.24
CA PRO B 148 30.70 30.59 -13.64
C PRO B 148 31.43 29.76 -12.58
N GLY B 149 30.98 29.84 -11.33
CA GLY B 149 31.59 29.09 -10.26
C GLY B 149 31.19 27.62 -10.28
N ILE B 150 29.98 27.35 -10.75
CA ILE B 150 29.46 25.99 -10.79
C ILE B 150 30.09 25.19 -11.93
N ARG B 151 30.61 24.01 -11.60
CA ARG B 151 31.37 23.19 -12.55
C ARG B 151 30.48 22.19 -13.30
N GLY B 152 29.48 21.65 -12.62
CA GLY B 152 28.58 20.68 -13.23
C GLY B 152 27.24 20.56 -12.53
N ILE B 153 26.26 20.00 -13.23
CA ILE B 153 24.94 19.75 -12.66
C ILE B 153 24.42 18.40 -13.16
N SER B 154 23.63 17.72 -12.32
CA SER B 154 23.05 16.44 -12.68
C SER B 154 21.56 16.43 -12.36
N GLU B 155 20.76 16.09 -13.38
CA GLU B 155 19.30 16.20 -13.30
C GLU B 155 18.66 14.82 -13.24
N GLU B 156 17.71 14.67 -12.31
CA GLU B 156 17.11 13.37 -12.01
C GLU B 156 15.89 13.05 -12.86
N THR B 157 14.93 13.98 -12.92
CA THR B 157 13.59 13.67 -13.42
C THR B 157 13.34 14.12 -14.86
N THR B 158 12.30 13.55 -15.48
CA THR B 158 12.00 13.76 -16.89
C THR B 158 11.64 15.20 -17.25
N THR B 159 10.94 15.89 -16.36
CA THR B 159 10.53 17.27 -16.62
C THR B 159 11.71 18.23 -16.53
N GLY B 160 12.66 17.91 -15.65
CA GLY B 160 13.80 18.77 -15.42
C GLY B 160 14.89 18.67 -16.48
N VAL B 161 14.93 17.53 -17.19
CA VAL B 161 15.87 17.36 -18.31
C VAL B 161 15.28 17.88 -19.61
N HIS B 162 13.95 17.77 -19.75
CA HIS B 162 13.27 18.38 -20.89
C HIS B 162 13.40 19.88 -20.79
N ASN B 163 13.47 20.38 -19.55
CA ASN B 163 13.68 21.78 -19.31
C ASN B 163 15.15 22.16 -19.53
N LEU B 164 16.07 21.24 -19.23
CA LEU B 164 17.49 21.44 -19.47
C LEU B 164 17.84 21.40 -20.95
N TYR B 165 17.00 20.74 -21.73
CA TYR B 165 17.15 20.71 -23.18
C TYR B 165 16.59 21.99 -23.79
N LYS B 166 15.53 22.52 -23.20
CA LYS B 166 14.92 23.75 -23.70
C LYS B 166 15.83 24.95 -23.40
N MET B 167 16.64 24.83 -22.34
CA MET B 167 17.57 25.89 -21.96
C MET B 167 18.79 25.92 -22.89
N MET B 168 19.36 24.75 -23.16
CA MET B 168 20.50 24.63 -24.06
C MET B 168 20.12 25.09 -25.47
N ALA B 169 18.87 24.80 -25.85
CA ALA B 169 18.35 25.20 -27.15
C ALA B 169 18.25 26.73 -27.25
N ASN B 170 17.71 27.36 -26.21
CA ASN B 170 17.60 28.82 -26.18
C ASN B 170 18.88 29.48 -25.69
N GLY B 171 19.98 28.72 -25.67
CA GLY B 171 21.30 29.24 -25.39
C GLY B 171 21.47 29.91 -24.04
N ILE B 172 20.59 29.56 -23.09
CA ILE B 172 20.59 30.15 -21.75
C ILE B 172 21.23 29.22 -20.74
N LEU B 173 21.36 27.94 -21.08
CA LEU B 173 22.04 27.00 -20.19
C LEU B 173 23.55 27.20 -20.28
N LYS B 174 24.09 27.88 -19.28
CA LYS B 174 25.48 28.33 -19.28
C LYS B 174 26.46 27.35 -18.64
N VAL B 175 25.92 26.27 -18.08
CA VAL B 175 26.72 25.29 -17.32
C VAL B 175 26.54 23.88 -17.90
N PRO B 176 27.61 23.06 -17.89
CA PRO B 176 27.45 21.69 -18.40
C PRO B 176 26.63 20.78 -17.48
N ALA B 177 25.79 19.94 -18.08
CA ALA B 177 24.89 19.07 -17.34
C ALA B 177 24.94 17.62 -17.83
N ILE B 178 24.67 16.69 -16.91
CA ILE B 178 24.52 15.29 -17.27
C ILE B 178 23.07 14.86 -17.07
N ASN B 179 22.47 14.29 -18.11
CA ASN B 179 21.13 13.75 -18.03
C ASN B 179 21.14 12.38 -17.37
N VAL B 180 20.72 12.34 -16.11
CA VAL B 180 20.72 11.12 -15.33
C VAL B 180 19.43 10.36 -15.56
N ASN B 181 18.35 11.08 -15.88
CA ASN B 181 17.07 10.44 -16.14
C ASN B 181 17.17 9.42 -17.25
N ASP B 182 17.81 9.81 -18.34
CA ASP B 182 17.84 9.00 -19.56
C ASP B 182 18.88 7.89 -19.50
N SER B 183 19.47 7.69 -18.32
CA SER B 183 20.13 6.43 -18.04
C SER B 183 19.05 5.36 -18.04
N VAL B 184 19.33 4.25 -18.69
CA VAL B 184 18.39 3.14 -18.73
C VAL B 184 18.03 2.76 -17.30
N THR B 185 19.04 2.77 -16.45
CA THR B 185 18.91 2.35 -15.06
C THR B 185 17.94 3.21 -14.26
N LYS B 186 17.81 4.47 -14.65
CA LYS B 186 16.86 5.36 -14.00
C LYS B 186 15.49 5.21 -14.67
N SER B 187 15.37 5.70 -15.89
CA SER B 187 14.09 5.78 -16.59
C SER B 187 13.33 4.45 -16.71
N LYS B 188 14.05 3.35 -16.88
CA LYS B 188 13.41 2.06 -17.14
C LYS B 188 13.31 1.21 -15.89
N PHE B 189 13.52 1.84 -14.74
CA PHE B 189 13.35 1.15 -13.47
C PHE B 189 12.64 2.04 -12.48
N ASP B 190 13.24 3.20 -12.22
CA ASP B 190 12.67 4.19 -11.30
C ASP B 190 11.27 4.59 -11.74
N ASN B 191 11.18 5.20 -12.91
CA ASN B 191 9.92 5.69 -13.43
C ASN B 191 8.95 4.53 -13.59
N LEU B 192 9.45 3.40 -14.06
CA LEU B 192 8.62 2.24 -14.31
C LEU B 192 8.26 1.49 -13.03
N TYR B 193 9.22 0.77 -12.47
CA TYR B 193 8.94 -0.12 -11.35
C TYR B 193 8.69 0.63 -10.06
N GLY B 194 9.21 1.85 -9.97
CA GLY B 194 9.06 2.63 -8.75
C GLY B 194 7.61 3.02 -8.52
N CYS B 195 7.03 3.70 -9.50
CA CYS B 195 5.65 4.17 -9.40
C CYS B 195 4.67 3.01 -9.35
N ARG B 196 5.04 1.89 -9.96
CA ARG B 196 4.20 0.70 -9.95
C ARG B 196 3.90 0.24 -8.52
N GLU B 197 4.79 0.58 -7.59
CA GLU B 197 4.61 0.19 -6.19
C GLU B 197 4.10 1.35 -5.32
N SER B 198 4.55 2.57 -5.62
CA SER B 198 4.29 3.72 -4.75
C SER B 198 3.03 4.50 -5.10
N LEU B 199 2.52 4.35 -6.32
CA LEU B 199 1.26 5.00 -6.69
C LEU B 199 0.15 4.49 -5.79
N ILE B 200 0.02 3.18 -5.75
CA ILE B 200 -1.09 2.56 -5.07
C ILE B 200 -0.94 2.73 -3.58
N ASP B 201 0.30 2.79 -3.12
CA ASP B 201 0.57 3.05 -1.72
C ASP B 201 -0.02 4.41 -1.38
N GLY B 202 0.37 5.44 -2.14
CA GLY B 202 -0.15 6.78 -1.94
C GLY B 202 -1.66 6.81 -1.92
N ILE B 203 -2.30 6.12 -2.85
CA ILE B 203 -3.75 6.16 -2.97
C ILE B 203 -4.39 5.46 -1.79
N LYS B 204 -3.85 4.30 -1.43
CA LYS B 204 -4.37 3.50 -0.33
C LYS B 204 -4.30 4.22 1.00
N ARG B 205 -3.13 4.78 1.31
CA ARG B 205 -2.95 5.44 2.60
C ARG B 205 -3.89 6.61 2.73
N ALA B 206 -4.21 7.24 1.60
CA ALA B 206 -5.04 8.43 1.59
C ALA B 206 -6.52 8.11 1.70
N THR B 207 -6.94 7.05 1.00
CA THR B 207 -8.37 6.76 0.84
C THR B 207 -8.77 5.38 1.36
N ASP B 208 -7.87 4.42 1.28
CA ASP B 208 -8.18 3.04 1.64
C ASP B 208 -9.33 2.52 0.78
N VAL B 209 -9.28 2.84 -0.51
CA VAL B 209 -10.35 2.44 -1.43
C VAL B 209 -10.02 1.11 -2.11
N MET B 210 -11.06 0.36 -2.44
CA MET B 210 -10.90 -0.89 -3.17
C MET B 210 -10.54 -0.63 -4.62
N ILE B 211 -9.45 -1.23 -5.08
CA ILE B 211 -9.03 -1.10 -6.47
C ILE B 211 -9.80 -2.06 -7.35
N ALA B 212 -10.00 -3.28 -6.87
CA ALA B 212 -10.71 -4.29 -7.61
C ALA B 212 -12.11 -3.82 -7.93
N GLY B 213 -12.57 -4.14 -9.13
CA GLY B 213 -13.90 -3.76 -9.57
C GLY B 213 -13.99 -2.34 -10.11
N LYS B 214 -12.97 -1.52 -9.86
CA LYS B 214 -13.03 -0.12 -10.26
C LYS B 214 -12.53 0.10 -11.68
N VAL B 215 -12.92 1.21 -12.27
CA VAL B 215 -12.37 1.65 -13.55
C VAL B 215 -11.39 2.76 -13.26
N ALA B 216 -10.13 2.54 -13.64
CA ALA B 216 -9.08 3.52 -13.44
C ALA B 216 -8.66 4.13 -14.77
N VAL B 217 -8.49 5.45 -14.79
CA VAL B 217 -8.08 6.15 -15.99
C VAL B 217 -6.70 6.73 -15.80
N VAL B 218 -5.77 6.36 -16.69
CA VAL B 218 -4.39 6.81 -16.62
C VAL B 218 -4.01 7.66 -17.82
N ALA B 219 -3.93 8.96 -17.59
CA ALA B 219 -3.44 9.88 -18.61
C ALA B 219 -1.95 9.66 -18.82
N GLY B 220 -1.58 9.30 -20.04
CA GLY B 220 -0.18 9.10 -20.39
C GLY B 220 0.23 7.65 -20.22
N TYR B 221 1.08 7.18 -21.14
CA TYR B 221 1.55 5.80 -21.11
C TYR B 221 3.02 5.74 -21.44
N GLY B 222 3.77 6.67 -20.87
CA GLY B 222 5.21 6.59 -20.90
C GLY B 222 5.64 5.67 -19.78
N ASP B 223 6.88 5.83 -19.34
CA ASP B 223 7.43 4.95 -18.34
C ASP B 223 6.62 4.99 -17.06
N VAL B 224 6.17 6.17 -16.65
CA VAL B 224 5.39 6.29 -15.43
C VAL B 224 4.00 5.72 -15.65
N GLY B 225 3.35 6.12 -16.74
CA GLY B 225 2.02 5.62 -17.04
C GLY B 225 1.99 4.11 -17.11
N LYS B 226 3.03 3.52 -17.70
CA LYS B 226 3.13 2.07 -17.83
C LYS B 226 3.10 1.39 -16.46
N GLY B 227 3.86 1.92 -15.52
CA GLY B 227 3.96 1.36 -14.19
C GLY B 227 2.63 1.45 -13.44
N CYS B 228 2.01 2.62 -13.53
CA CYS B 228 0.75 2.89 -12.85
C CYS B 228 -0.37 2.00 -13.38
N ALA B 229 -0.39 1.83 -14.70
CA ALA B 229 -1.42 1.03 -15.35
C ALA B 229 -1.26 -0.43 -14.95
N GLN B 230 -0.03 -0.92 -15.00
CA GLN B 230 0.27 -2.29 -14.64
C GLN B 230 -0.14 -2.58 -13.20
N ALA B 231 0.14 -1.64 -12.31
CA ALA B 231 -0.18 -1.79 -10.89
C ALA B 231 -1.68 -1.93 -10.66
N LEU B 232 -2.45 -1.00 -11.21
CA LEU B 232 -3.90 -1.00 -11.04
C LEU B 232 -4.53 -2.21 -11.71
N ARG B 233 -3.94 -2.64 -12.81
CA ARG B 233 -4.39 -3.85 -13.49
C ARG B 233 -4.19 -5.03 -12.56
N GLY B 234 -3.03 -5.06 -11.90
CA GLY B 234 -2.72 -6.11 -10.95
C GLY B 234 -3.79 -6.36 -9.91
N PHE B 235 -4.39 -5.30 -9.39
CA PHE B 235 -5.42 -5.43 -8.36
C PHE B 235 -6.82 -5.54 -8.95
N GLY B 236 -6.91 -5.68 -10.27
CA GLY B 236 -8.18 -5.97 -10.88
C GLY B 236 -9.03 -4.73 -11.07
N ALA B 237 -8.38 -3.62 -11.35
CA ALA B 237 -9.08 -2.47 -11.90
C ALA B 237 -9.13 -2.68 -13.40
N ARG B 238 -10.10 -2.03 -14.05
CA ARG B 238 -10.13 -1.98 -15.51
C ARG B 238 -9.51 -0.65 -15.92
N VAL B 239 -8.43 -0.70 -16.68
CA VAL B 239 -7.63 0.49 -16.91
C VAL B 239 -7.84 1.05 -18.31
N ILE B 240 -8.01 2.37 -18.37
CA ILE B 240 -8.18 3.10 -19.60
C ILE B 240 -7.09 4.14 -19.74
N ILE B 241 -6.40 4.12 -20.87
CA ILE B 241 -5.26 4.99 -21.11
C ILE B 241 -5.66 6.13 -22.05
N THR B 242 -5.16 7.34 -21.79
CA THR B 242 -5.24 8.43 -22.74
C THR B 242 -3.82 8.80 -23.11
N GLU B 243 -3.61 9.28 -24.33
CA GLU B 243 -2.26 9.44 -24.85
C GLU B 243 -2.24 10.28 -26.14
N ILE B 244 -1.13 10.97 -26.39
CA ILE B 244 -0.97 11.78 -27.59
C ILE B 244 0.00 11.18 -28.60
N ASP B 245 0.86 10.27 -28.14
CA ASP B 245 1.83 9.62 -29.01
C ASP B 245 1.25 8.32 -29.54
N PRO B 246 1.17 8.17 -30.88
CA PRO B 246 0.61 6.92 -31.43
C PRO B 246 1.39 5.66 -31.06
N ILE B 247 2.72 5.77 -30.94
CA ILE B 247 3.55 4.64 -30.54
C ILE B 247 3.19 4.20 -29.11
N ASN B 248 3.21 5.14 -28.17
CA ASN B 248 2.84 4.84 -26.80
C ASN B 248 1.39 4.32 -26.76
N ALA B 249 0.54 4.95 -27.55
CA ALA B 249 -0.88 4.60 -27.60
C ALA B 249 -1.10 3.18 -28.09
N LEU B 250 -0.28 2.78 -29.06
CA LEU B 250 -0.38 1.45 -29.65
C LEU B 250 0.16 0.40 -28.69
N GLN B 251 1.25 0.73 -27.98
CA GLN B 251 1.79 -0.15 -26.94
C GLN B 251 0.70 -0.53 -25.94
N ALA B 252 -0.08 0.46 -25.51
CA ALA B 252 -1.12 0.23 -24.54
C ALA B 252 -2.24 -0.65 -25.10
N ALA B 253 -2.56 -0.46 -26.38
CA ALA B 253 -3.58 -1.26 -27.05
C ALA B 253 -3.14 -2.71 -27.15
N MET B 254 -1.87 -2.92 -27.45
CA MET B 254 -1.32 -4.27 -27.57
C MET B 254 -1.15 -4.96 -26.22
N GLU B 255 -1.40 -4.22 -25.14
CA GLU B 255 -1.39 -4.80 -23.79
C GLU B 255 -2.80 -5.02 -23.26
N GLY B 256 -3.82 -4.68 -24.04
CA GLY B 256 -5.20 -4.98 -23.68
C GLY B 256 -5.89 -3.88 -22.92
N TYR B 257 -5.33 -2.68 -22.99
CA TYR B 257 -5.95 -1.49 -22.42
C TYR B 257 -6.77 -0.78 -23.47
N GLU B 258 -8.00 -0.40 -23.09
CA GLU B 258 -8.79 0.50 -23.89
C GLU B 258 -8.11 1.87 -23.92
N VAL B 259 -7.95 2.42 -25.11
CA VAL B 259 -7.29 3.71 -25.30
C VAL B 259 -8.26 4.69 -25.92
N THR B 260 -8.73 5.64 -25.11
CA THR B 260 -9.58 6.69 -25.63
C THR B 260 -9.15 8.03 -25.04
N THR B 261 -10.00 9.03 -25.13
CA THR B 261 -9.63 10.36 -24.65
C THR B 261 -10.26 10.61 -23.30
N MET B 262 -9.77 11.64 -22.62
CA MET B 262 -10.29 12.01 -21.33
C MET B 262 -11.76 12.37 -21.43
N ASP B 263 -12.14 12.98 -22.55
CA ASP B 263 -13.52 13.42 -22.74
C ASP B 263 -14.50 12.24 -22.64
N GLU B 264 -14.06 11.08 -23.09
CA GLU B 264 -14.83 9.85 -22.96
C GLU B 264 -14.66 9.22 -21.58
N ALA B 265 -13.40 9.08 -21.15
CA ALA B 265 -13.05 8.31 -19.97
C ALA B 265 -13.62 8.88 -18.67
N CYS B 266 -13.78 10.20 -18.62
CA CYS B 266 -14.22 10.86 -17.39
C CYS B 266 -15.61 10.39 -16.95
N GLN B 267 -16.37 9.83 -17.89
CA GLN B 267 -17.74 9.43 -17.62
C GLN B 267 -17.83 8.02 -17.01
N GLU B 268 -16.69 7.32 -16.90
CA GLU B 268 -16.68 6.00 -16.27
C GLU B 268 -15.53 5.78 -15.30
N GLY B 269 -14.54 6.65 -15.33
CA GLY B 269 -13.43 6.53 -14.40
C GLY B 269 -13.84 6.71 -12.94
N ASN B 270 -13.52 5.70 -12.13
CA ASN B 270 -13.62 5.80 -10.67
C ASN B 270 -12.37 6.45 -10.07
N ILE B 271 -11.24 6.19 -10.72
CA ILE B 271 -9.95 6.67 -10.26
C ILE B 271 -9.24 7.34 -11.42
N PHE B 272 -8.57 8.46 -11.14
CA PHE B 272 -7.88 9.22 -12.17
C PHE B 272 -6.45 9.53 -11.74
N VAL B 273 -5.53 9.30 -12.67
CA VAL B 273 -4.10 9.41 -12.40
C VAL B 273 -3.40 10.07 -13.58
N THR B 274 -3.04 11.34 -13.42
CA THR B 274 -2.33 12.04 -14.49
C THR B 274 -0.84 11.76 -14.39
N THR B 275 -0.21 11.47 -15.53
CA THR B 275 1.20 11.11 -15.57
C THR B 275 1.88 11.72 -16.78
N THR B 276 1.36 12.84 -17.27
CA THR B 276 1.79 13.38 -18.57
C THR B 276 2.98 14.33 -18.46
N GLY B 277 3.06 15.05 -17.34
CA GLY B 277 4.01 16.13 -17.20
C GLY B 277 3.55 17.32 -18.03
N CYS B 278 2.25 17.34 -18.33
CA CYS B 278 1.65 18.34 -19.20
C CYS B 278 0.48 19.01 -18.49
N ILE B 279 0.10 20.20 -18.95
CA ILE B 279 -0.97 20.98 -18.31
C ILE B 279 -2.37 20.61 -18.83
N ASP B 280 -3.38 21.03 -18.09
CA ASP B 280 -4.77 20.97 -18.56
C ASP B 280 -5.25 19.57 -18.92
N ILE B 281 -4.84 18.56 -18.15
CA ILE B 281 -5.26 17.19 -18.46
C ILE B 281 -6.68 16.93 -17.99
N ILE B 282 -6.98 17.37 -16.77
CA ILE B 282 -8.30 17.19 -16.20
C ILE B 282 -8.89 18.55 -15.82
N LEU B 283 -9.96 18.91 -16.51
CA LEU B 283 -10.57 20.22 -16.37
C LEU B 283 -11.96 20.09 -15.75
N GLY B 284 -12.62 21.22 -15.55
CA GLY B 284 -13.93 21.25 -14.93
C GLY B 284 -14.99 20.46 -15.68
N ARG B 285 -14.90 20.42 -17.00
CA ARG B 285 -15.91 19.72 -17.78
C ARG B 285 -15.76 18.22 -17.58
N HIS B 286 -14.56 17.80 -17.21
CA HIS B 286 -14.34 16.41 -16.87
C HIS B 286 -14.93 16.14 -15.50
N PHE B 287 -14.59 16.99 -14.54
CA PHE B 287 -15.09 16.88 -13.17
C PHE B 287 -16.61 16.76 -13.12
N GLU B 288 -17.29 17.59 -13.90
CA GLU B 288 -18.75 17.65 -13.91
C GLU B 288 -19.38 16.32 -14.33
N GLN B 289 -18.62 15.50 -15.07
CA GLN B 289 -19.14 14.25 -15.60
C GLN B 289 -18.75 13.03 -14.78
N MET B 290 -17.91 13.22 -13.77
CA MET B 290 -17.36 12.08 -13.05
C MET B 290 -18.36 11.44 -12.10
N LYS B 291 -18.14 10.17 -11.82
CA LYS B 291 -18.99 9.42 -10.93
C LYS B 291 -18.77 9.88 -9.50
N ASP B 292 -19.70 9.55 -8.61
CA ASP B 292 -19.64 10.02 -7.24
C ASP B 292 -18.40 9.47 -6.55
N ASP B 293 -17.72 10.34 -5.82
CA ASP B 293 -16.54 9.96 -5.05
C ASP B 293 -15.43 9.43 -5.97
N ALA B 294 -15.39 9.94 -7.19
CA ALA B 294 -14.26 9.68 -8.06
C ALA B 294 -13.01 10.15 -7.36
N ILE B 295 -11.91 9.43 -7.52
CA ILE B 295 -10.67 9.77 -6.85
C ILE B 295 -9.68 10.27 -7.89
N VAL B 296 -9.27 11.53 -7.73
CA VAL B 296 -8.39 12.18 -8.68
C VAL B 296 -7.05 12.47 -8.05
N CYS B 297 -5.99 12.18 -8.78
CA CYS B 297 -4.65 12.46 -8.29
C CYS B 297 -3.66 12.55 -9.43
N ASN B 298 -2.43 12.88 -9.08
CA ASN B 298 -1.40 13.16 -10.05
C ASN B 298 -0.07 12.58 -9.57
N ILE B 299 0.71 12.04 -10.49
CA ILE B 299 2.01 11.47 -10.15
C ILE B 299 3.07 12.01 -11.13
N GLY B 300 2.71 13.03 -11.90
CA GLY B 300 3.67 13.81 -12.67
C GLY B 300 4.42 14.76 -11.74
N HIS B 301 5.44 15.46 -12.24
CA HIS B 301 6.32 16.22 -11.35
C HIS B 301 5.71 17.51 -10.79
N PHE B 302 5.09 18.32 -11.65
CA PHE B 302 4.47 19.58 -11.21
C PHE B 302 2.97 19.41 -11.12
N ASP B 303 2.34 20.14 -10.21
CA ASP B 303 0.90 20.03 -9.99
C ASP B 303 0.08 20.82 -11.03
N VAL B 304 0.47 20.70 -12.29
CA VAL B 304 -0.14 21.47 -13.36
C VAL B 304 -1.17 20.68 -14.16
N GLU B 305 -1.31 19.40 -13.84
CA GLU B 305 -2.07 18.50 -14.70
C GLU B 305 -3.56 18.49 -14.35
N ILE B 306 -3.88 18.84 -13.10
CA ILE B 306 -5.27 18.87 -12.64
C ILE B 306 -5.69 20.30 -12.36
N ASP B 307 -6.91 20.65 -12.75
CA ASP B 307 -7.43 22.00 -12.51
C ASP B 307 -8.08 22.10 -11.13
N VAL B 308 -7.25 22.16 -10.09
CA VAL B 308 -7.73 22.26 -8.72
C VAL B 308 -8.35 23.63 -8.47
N LYS B 309 -7.82 24.63 -9.17
CA LYS B 309 -8.33 25.99 -9.05
C LYS B 309 -9.81 26.01 -9.41
N TRP B 310 -10.19 25.18 -10.37
CA TRP B 310 -11.59 25.07 -10.76
C TRP B 310 -12.45 24.48 -9.64
N LEU B 311 -11.96 23.41 -9.00
CA LEU B 311 -12.68 22.78 -7.89
C LEU B 311 -12.91 23.74 -6.73
N ASN B 312 -11.91 24.55 -6.40
CA ASN B 312 -12.07 25.53 -5.34
C ASN B 312 -13.19 26.53 -5.68
N GLU B 313 -13.13 27.12 -6.87
CA GLU B 313 -14.05 28.19 -7.23
C GLU B 313 -15.47 27.71 -7.53
N ASN B 314 -15.62 26.47 -7.98
CA ASN B 314 -16.91 25.98 -8.44
C ASN B 314 -17.60 24.96 -7.52
N ALA B 315 -16.84 24.35 -6.61
CA ALA B 315 -17.44 23.38 -5.69
C ALA B 315 -18.42 24.08 -4.77
N VAL B 316 -19.45 23.34 -4.35
CA VAL B 316 -20.40 23.87 -3.38
C VAL B 316 -19.71 23.94 -2.02
N GLU B 317 -19.02 22.85 -1.68
CA GLU B 317 -18.40 22.68 -0.38
C GLU B 317 -17.09 21.90 -0.52
N LYS B 318 -16.14 22.16 0.37
CA LYS B 318 -14.87 21.44 0.42
C LYS B 318 -14.61 20.91 1.81
N VAL B 319 -14.91 19.63 2.04
CA VAL B 319 -14.58 19.00 3.32
C VAL B 319 -13.19 18.38 3.29
N ASN B 320 -12.38 18.75 4.27
CA ASN B 320 -11.07 18.13 4.46
C ASN B 320 -11.23 16.87 5.31
N ILE B 321 -10.72 15.74 4.81
CA ILE B 321 -10.84 14.47 5.50
C ILE B 321 -9.66 14.26 6.44
N LYS B 322 -8.50 14.67 5.96
CA LYS B 322 -7.26 14.59 6.70
C LYS B 322 -6.25 15.26 5.80
N PRO B 323 -5.00 15.38 6.24
CA PRO B 323 -4.03 16.08 5.38
C PRO B 323 -3.92 15.48 3.97
N GLN B 324 -3.77 16.36 2.98
CA GLN B 324 -3.65 15.97 1.57
C GLN B 324 -4.84 15.12 1.07
N VAL B 325 -6.00 15.27 1.69
CA VAL B 325 -7.20 14.57 1.23
C VAL B 325 -8.45 15.45 1.33
N ASP B 326 -8.85 16.04 0.20
CA ASP B 326 -10.06 16.87 0.15
C ASP B 326 -11.22 16.13 -0.53
N ARG B 327 -12.43 16.39 -0.05
CA ARG B 327 -13.64 15.82 -0.64
C ARG B 327 -14.58 16.95 -1.01
N TYR B 328 -14.58 17.28 -2.29
CA TYR B 328 -15.42 18.35 -2.81
C TYR B 328 -16.83 17.87 -3.12
N ARG B 329 -17.83 18.70 -2.83
CA ARG B 329 -19.18 18.46 -3.34
C ARG B 329 -19.49 19.47 -4.43
N LEU B 330 -20.04 18.98 -5.54
CA LEU B 330 -20.29 19.81 -6.71
C LEU B 330 -21.76 20.19 -6.80
N LYS B 331 -22.05 21.17 -7.65
CA LYS B 331 -23.43 21.65 -7.80
C LYS B 331 -24.35 20.54 -8.34
N ASN B 332 -23.76 19.46 -8.84
CA ASN B 332 -24.55 18.30 -9.26
C ASN B 332 -24.74 17.28 -8.14
N GLY B 333 -24.26 17.59 -6.94
CA GLY B 333 -24.51 16.74 -5.80
C GLY B 333 -23.49 15.63 -5.60
N ARG B 334 -22.82 15.22 -6.68
CA ARG B 334 -21.80 14.19 -6.59
C ARG B 334 -20.51 14.77 -6.04
N ARG B 335 -19.66 13.90 -5.48
CA ARG B 335 -18.44 14.36 -4.84
C ARG B 335 -17.17 13.84 -5.53
N ILE B 336 -16.13 14.67 -5.45
CA ILE B 336 -14.81 14.35 -5.94
C ILE B 336 -13.80 14.34 -4.80
N ILE B 337 -13.02 13.28 -4.71
CA ILE B 337 -11.92 13.19 -3.76
C ILE B 337 -10.60 13.50 -4.45
N LEU B 338 -10.00 14.63 -4.08
CA LEU B 338 -8.73 15.06 -4.63
C LEU B 338 -7.59 14.80 -3.63
N LEU B 339 -6.44 14.35 -4.13
CA LEU B 339 -5.33 13.97 -3.26
C LEU B 339 -4.17 14.94 -3.42
N ALA B 340 -3.46 15.18 -2.33
CA ALA B 340 -2.25 15.99 -2.30
C ALA B 340 -2.42 17.36 -2.98
N GLU B 341 -3.66 17.81 -3.10
CA GLU B 341 -3.96 19.07 -3.76
C GLU B 341 -3.41 19.12 -5.19
N GLY B 342 -3.25 17.97 -5.82
CA GLY B 342 -2.79 17.88 -7.19
C GLY B 342 -1.29 17.63 -7.31
N ARG B 343 -0.56 17.83 -6.23
CA ARG B 343 0.87 17.55 -6.20
C ARG B 343 1.09 16.04 -6.23
N LEU B 344 2.32 15.60 -6.47
CA LEU B 344 2.51 14.16 -6.72
C LEU B 344 2.18 13.35 -5.47
N VAL B 345 1.38 12.31 -5.69
CA VAL B 345 0.67 11.59 -4.62
C VAL B 345 1.51 10.53 -3.92
N ASN B 346 2.47 9.96 -4.64
CA ASN B 346 3.26 8.86 -4.10
C ASN B 346 4.23 9.34 -3.02
N LEU B 347 4.60 10.62 -3.06
CA LEU B 347 5.47 11.22 -2.05
C LEU B 347 4.69 12.12 -1.10
N GLY B 348 3.50 12.54 -1.54
CA GLY B 348 2.65 13.40 -0.75
C GLY B 348 1.69 12.65 0.16
N CYS B 349 1.36 11.42 -0.23
CA CYS B 349 0.45 10.56 0.54
C CYS B 349 1.09 9.24 0.95
N ALA B 350 2.37 9.07 0.63
CA ALA B 350 3.11 7.88 1.03
C ALA B 350 4.58 8.24 1.17
N MET B 351 5.45 7.23 1.05
CA MET B 351 6.87 7.41 1.31
C MET B 351 7.71 7.42 0.05
N GLY B 352 7.06 7.61 -1.10
CA GLY B 352 7.73 7.61 -2.38
C GLY B 352 8.12 6.22 -2.83
N HIS B 353 9.16 6.13 -3.65
CA HIS B 353 9.66 4.85 -4.13
C HIS B 353 10.43 4.12 -3.03
N PRO B 354 10.43 2.77 -3.07
CA PRO B 354 11.24 2.03 -2.12
C PRO B 354 12.73 2.27 -2.32
N SER B 355 13.51 2.01 -1.29
CA SER B 355 14.93 2.36 -1.30
C SER B 355 15.71 1.67 -2.42
N PHE B 356 15.32 0.44 -2.76
CA PHE B 356 16.10 -0.33 -3.72
C PHE B 356 16.13 0.30 -5.12
N VAL B 357 14.99 0.75 -5.61
CA VAL B 357 14.98 1.33 -6.94
C VAL B 357 15.65 2.70 -6.91
N MET B 358 15.61 3.37 -5.77
CA MET B 358 16.25 4.68 -5.67
C MET B 358 17.76 4.53 -5.69
N SER B 359 18.25 3.40 -5.16
CA SER B 359 19.68 3.09 -5.17
C SER B 359 20.19 3.09 -6.61
N ASN B 360 19.32 2.73 -7.55
CA ASN B 360 19.67 2.72 -8.96
C ASN B 360 19.80 4.14 -9.52
N SER B 361 18.86 5.01 -9.14
CA SER B 361 18.87 6.40 -9.56
C SER B 361 20.03 7.15 -8.93
N PHE B 362 20.22 6.93 -7.63
CA PHE B 362 21.21 7.67 -6.88
C PHE B 362 22.63 7.15 -7.14
N THR B 363 22.77 5.87 -7.49
CA THR B 363 24.06 5.37 -7.90
C THR B 363 24.48 6.05 -9.22
N ASN B 364 23.51 6.27 -10.11
CA ASN B 364 23.75 7.05 -11.32
C ASN B 364 24.20 8.46 -10.97
N GLN B 365 23.54 9.04 -9.96
CA GLN B 365 23.79 10.41 -9.54
C GLN B 365 25.19 10.59 -8.98
N VAL B 366 25.70 9.59 -8.25
CA VAL B 366 27.05 9.68 -7.73
C VAL B 366 28.03 9.73 -8.89
N MET B 367 27.92 8.79 -9.82
CA MET B 367 28.77 8.76 -11.00
C MET B 367 28.65 10.05 -11.80
N ALA B 368 27.45 10.63 -11.83
CA ALA B 368 27.20 11.87 -12.56
C ALA B 368 27.90 13.05 -11.87
N GLN B 369 28.02 12.97 -10.55
CA GLN B 369 28.72 14.00 -9.79
C GLN B 369 30.24 13.81 -9.87
N ILE B 370 30.67 12.55 -9.77
CA ILE B 370 32.09 12.22 -9.93
C ILE B 370 32.58 12.70 -11.29
N GLU B 371 31.94 12.25 -12.35
CA GLU B 371 32.33 12.61 -13.72
C GLU B 371 32.46 14.12 -13.93
N LEU B 372 31.49 14.88 -13.42
CA LEU B 372 31.47 16.33 -13.63
C LEU B 372 32.53 17.06 -12.80
N TRP B 373 33.10 16.39 -11.81
CA TRP B 373 34.08 17.01 -10.91
C TRP B 373 35.47 16.37 -11.05
N THR B 374 35.51 15.10 -11.47
CA THR B 374 36.77 14.36 -11.58
C THR B 374 37.34 14.48 -13.00
N HIS B 375 36.46 14.58 -13.98
CA HIS B 375 36.85 14.74 -15.38
C HIS B 375 36.10 15.90 -16.03
N PRO B 376 36.36 17.14 -15.56
CA PRO B 376 35.65 18.30 -16.13
C PRO B 376 35.94 18.53 -17.62
N ASP B 377 36.86 17.75 -18.19
CA ASP B 377 37.27 17.90 -19.59
C ASP B 377 36.21 17.35 -20.55
N LYS B 378 35.83 16.09 -20.35
CA LYS B 378 34.96 15.37 -21.27
C LYS B 378 33.64 16.08 -21.54
N TYR B 379 33.16 16.85 -20.56
CA TYR B 379 31.82 17.42 -20.60
C TYR B 379 31.83 18.94 -20.74
N PRO B 380 31.74 19.43 -21.98
CA PRO B 380 31.56 20.87 -22.22
C PRO B 380 30.13 21.30 -21.95
N VAL B 381 29.84 22.59 -22.11
CA VAL B 381 28.51 23.12 -21.89
C VAL B 381 27.50 22.52 -22.87
N GLY B 382 26.69 21.60 -22.38
CA GLY B 382 25.68 20.94 -23.18
C GLY B 382 24.78 20.08 -22.30
N VAL B 383 24.15 19.08 -22.90
CA VAL B 383 23.36 18.11 -22.15
C VAL B 383 23.81 16.71 -22.56
N HIS B 384 24.56 16.06 -21.68
CA HIS B 384 25.25 14.80 -21.99
C HIS B 384 24.63 13.60 -21.27
N PHE B 385 24.92 12.41 -21.77
CA PHE B 385 24.49 11.17 -21.13
C PHE B 385 25.68 10.49 -20.48
N LEU B 386 25.39 9.62 -19.52
CA LEU B 386 26.40 8.76 -18.93
C LEU B 386 26.74 7.63 -19.91
N PRO B 387 28.02 7.27 -20.03
CA PRO B 387 28.41 6.17 -20.94
C PRO B 387 27.82 4.81 -20.54
N LYS B 388 27.39 4.03 -21.53
CA LYS B 388 26.64 2.80 -21.29
C LYS B 388 27.34 1.86 -20.30
N LYS B 389 28.67 1.86 -20.32
CA LYS B 389 29.43 0.96 -19.45
C LYS B 389 29.16 1.29 -17.99
N LEU B 390 29.03 2.58 -17.69
CA LEU B 390 28.68 3.03 -16.34
C LEU B 390 27.22 2.75 -16.04
N ASP B 391 26.37 2.85 -17.06
CA ASP B 391 24.95 2.56 -16.87
C ASP B 391 24.78 1.07 -16.54
N GLU B 392 25.56 0.23 -17.19
CA GLU B 392 25.56 -1.21 -16.92
C GLU B 392 26.18 -1.54 -15.58
N ALA B 393 27.13 -0.71 -15.16
CA ALA B 393 27.77 -0.89 -13.86
C ALA B 393 26.75 -0.78 -12.74
N VAL B 394 25.85 0.21 -12.86
CA VAL B 394 24.82 0.42 -11.83
C VAL B 394 23.97 -0.83 -11.72
N ALA B 395 23.58 -1.37 -12.87
CA ALA B 395 22.74 -2.55 -12.90
C ALA B 395 23.47 -3.72 -12.26
N CYS B 396 24.76 -3.82 -12.55
CA CYS B 396 25.58 -4.94 -12.08
C CYS B 396 25.68 -4.92 -10.55
N ALA B 397 25.76 -3.72 -9.97
CA ALA B 397 25.97 -3.57 -8.54
C ALA B 397 24.75 -3.99 -7.71
N HIS B 398 23.62 -4.22 -8.38
CA HIS B 398 22.38 -4.56 -7.70
C HIS B 398 22.03 -6.03 -7.89
N LEU B 399 22.76 -6.72 -8.75
CA LEU B 399 22.45 -8.10 -9.07
C LEU B 399 22.67 -8.98 -7.85
N GLY B 400 23.72 -8.69 -7.09
CA GLY B 400 24.09 -9.48 -5.93
C GLY B 400 22.96 -9.62 -4.94
N LYS B 401 22.45 -8.48 -4.49
CA LYS B 401 21.30 -8.44 -3.58
C LYS B 401 20.14 -9.32 -4.03
N LEU B 402 19.82 -9.27 -5.32
CA LEU B 402 18.68 -10.02 -5.86
C LEU B 402 19.01 -11.48 -6.12
N ASN B 403 20.26 -11.87 -5.83
CA ASN B 403 20.70 -13.25 -6.00
C ASN B 403 20.74 -13.67 -7.47
N VAL B 404 20.95 -12.70 -8.36
CA VAL B 404 21.01 -12.98 -9.79
C VAL B 404 22.36 -13.55 -10.17
N LYS B 405 22.35 -14.71 -10.84
CA LYS B 405 23.57 -15.27 -11.42
C LYS B 405 23.65 -14.96 -12.92
N LEU B 406 24.60 -14.10 -13.26
CA LEU B 406 24.76 -13.60 -14.62
C LEU B 406 25.68 -14.52 -15.43
N THR B 407 25.34 -14.72 -16.71
CA THR B 407 26.15 -15.53 -17.60
C THR B 407 27.31 -14.67 -18.13
OH ALY B 408 28.20 -11.80 -12.59
CH ALY B 408 29.10 -11.52 -13.42
CH3 ALY B 408 29.49 -10.07 -13.65
NZ ALY B 408 29.74 -12.54 -14.15
CE ALY B 408 30.78 -12.38 -15.14
CD ALY B 408 30.39 -12.88 -16.53
CG ALY B 408 30.74 -14.34 -16.74
CB ALY B 408 30.90 -14.68 -18.21
CA ALY B 408 29.59 -14.67 -19.00
N ALY B 408 28.43 -15.32 -18.41
C ALY B 408 29.90 -15.35 -20.33
O ALY B 408 29.93 -16.57 -20.46
HH31 ALY B 408 29.30 -9.82 -14.73
HH32 ALY B 408 30.56 -9.92 -13.42
HH33 ALY B 408 28.86 -9.39 -13.01
HZ ALY B 408 29.45 -13.46 -13.96
HE3 ALY B 408 31.70 -12.94 -14.78
HE2 ALY B 408 31.04 -11.30 -15.20
HD3 ALY B 408 30.91 -12.26 -17.31
HD2 ALY B 408 29.29 -12.74 -16.69
HG3 ALY B 408 29.93 -14.98 -16.29
HG2 ALY B 408 31.70 -14.57 -16.19
HB3 ALY B 408 31.35 -15.70 -18.30
HB2 ALY B 408 31.63 -13.96 -18.68
HA ALY B 408 29.30 -13.59 -19.21
N LEU B 409 30.10 -14.52 -21.34
CA LEU B 409 30.47 -15.01 -22.68
C LEU B 409 31.79 -15.77 -22.67
N THR B 410 31.85 -16.85 -23.44
CA THR B 410 33.12 -17.48 -23.76
C THR B 410 33.84 -16.60 -24.77
N GLU B 411 35.13 -16.82 -24.92
CA GLU B 411 35.88 -16.02 -25.88
C GLU B 411 35.34 -16.26 -27.28
N LYS B 412 34.93 -17.50 -27.52
CA LYS B 412 34.38 -17.88 -28.81
C LYS B 412 33.09 -17.12 -29.09
N GLN B 413 32.21 -17.06 -28.10
CA GLN B 413 30.94 -16.33 -28.24
C GLN B 413 31.16 -14.83 -28.42
N ALA B 414 32.06 -14.25 -27.64
CA ALA B 414 32.37 -12.83 -27.76
C ALA B 414 32.84 -12.49 -29.18
N GLN B 415 33.63 -13.38 -29.76
CA GLN B 415 34.17 -13.19 -31.10
C GLN B 415 33.08 -13.31 -32.16
N TYR B 416 32.15 -14.23 -31.95
CA TYR B 416 31.00 -14.38 -32.82
C TYR B 416 30.20 -13.09 -32.83
N LEU B 417 29.92 -12.58 -31.64
CA LEU B 417 29.12 -11.38 -31.50
C LEU B 417 29.93 -10.12 -31.81
N GLY B 418 31.25 -10.24 -31.82
CA GLY B 418 32.11 -9.11 -32.12
C GLY B 418 32.10 -8.05 -31.03
N MET B 419 32.00 -8.49 -29.78
CA MET B 419 31.96 -7.58 -28.64
C MET B 419 32.92 -8.02 -27.52
N SER B 420 33.45 -7.04 -26.79
CA SER B 420 34.27 -7.33 -25.61
C SER B 420 33.39 -7.86 -24.48
N CYS B 421 33.82 -8.93 -23.82
CA CYS B 421 33.00 -9.60 -22.81
C CYS B 421 32.64 -8.71 -21.61
N ASP B 422 33.50 -7.74 -21.30
CA ASP B 422 33.23 -6.79 -20.21
C ASP B 422 32.38 -5.63 -20.70
N GLY B 423 32.67 -5.20 -21.93
CA GLY B 423 32.21 -4.26 -22.94
C GLY B 423 30.71 -4.11 -22.91
N PRO B 424 30.17 -2.90 -23.14
CA PRO B 424 28.71 -2.80 -23.18
C PRO B 424 28.14 -3.71 -24.25
N PHE B 425 27.09 -4.47 -23.93
CA PHE B 425 26.61 -5.54 -24.81
C PHE B 425 25.56 -5.06 -25.81
N LYS B 426 25.21 -3.78 -25.71
CA LYS B 426 24.17 -3.21 -26.56
C LYS B 426 24.63 -1.93 -27.25
N PRO B 427 24.17 -1.68 -28.50
CA PRO B 427 24.46 -0.40 -29.16
C PRO B 427 23.79 0.77 -28.46
N ASP B 428 24.27 1.99 -28.71
CA ASP B 428 23.75 3.18 -28.04
C ASP B 428 22.24 3.31 -28.19
N HIS B 429 21.73 3.01 -29.37
CA HIS B 429 20.32 3.22 -29.67
C HIS B 429 19.42 2.12 -29.10
N TYR B 430 20.01 1.07 -28.53
CA TYR B 430 19.24 -0.03 -27.94
C TYR B 430 18.22 0.49 -26.92
N ARG B 431 16.98 0.02 -26.99
CA ARG B 431 15.90 0.60 -26.19
C ARG B 431 15.44 -0.23 -24.99
N TYR B 432 16.00 -1.44 -24.86
CA TYR B 432 15.65 -2.33 -23.75
C TYR B 432 14.13 -2.48 -23.59
PA NAD C . -8.15 -22.12 3.91
O1A NAD C . -8.34 -23.16 4.96
O2A NAD C . -8.60 -22.10 2.47
O5B NAD C . -6.41 -22.06 3.69
C5B NAD C . -5.79 -23.07 4.38
C4B NAD C . -4.63 -23.50 3.55
O4B NAD C . -3.51 -23.69 4.41
C3B NAD C . -5.02 -24.90 2.96
O3B NAD C . -4.55 -24.92 1.67
C2B NAD C . -4.26 -25.82 3.89
O2B NAD C . -3.89 -27.01 3.28
C1B NAD C . -2.99 -24.96 4.08
N9A NAD C . -2.18 -25.43 5.19
C8A NAD C . -2.57 -25.93 6.44
N7A NAD C . -1.53 -26.27 7.20
C5A NAD C . -0.41 -25.97 6.41
C6A NAD C . 0.99 -26.10 6.64
N6A NAD C . 1.44 -26.59 7.83
N1A NAD C . 1.89 -25.72 5.68
C2A NAD C . 1.35 -25.24 4.51
N3A NAD C . 0.06 -25.06 4.16
C4A NAD C . -0.80 -25.45 5.15
O3 NAD C . -8.58 -20.87 4.84
PN NAD C . -8.28 -19.42 4.25
O1N NAD C . -7.07 -19.19 3.38
O2N NAD C . -9.65 -18.88 4.10
O5D NAD C . -7.84 -18.43 5.66
C5D NAD C . -6.80 -19.02 6.31
C4D NAD C . -6.47 -18.22 7.57
O4D NAD C . -6.60 -16.82 7.26
C3D NAD C . -7.54 -18.53 8.66
O3D NAD C . -6.90 -18.39 9.88
C2D NAD C . -8.58 -17.43 8.42
O2D NAD C . -9.30 -17.07 9.54
C1D NAD C . -7.57 -16.26 8.13
N1N NAD C . -8.16 -15.10 7.34
C2N NAD C . -7.59 -13.87 7.59
C3N NAD C . -8.04 -12.74 6.88
C7N NAD C . -7.42 -11.41 7.19
O7N NAD C . -7.99 -10.36 6.89
N7N NAD C . -6.20 -11.38 7.83
C4N NAD C . -9.06 -12.88 5.93
C5N NAD C . -9.61 -14.12 5.68
C6N NAD C . -9.16 -15.25 6.38
H51A NAD C . -6.47 -23.93 4.62
H52A NAD C . -5.40 -22.70 5.36
H4B NAD C . -4.37 -22.71 2.80
H3B NAD C . -6.13 -25.10 3.01
HO3A NAD C . -5.13 -25.46 1.16
H2B NAD C . -4.81 -25.98 4.85
HO2A NAD C . -4.16 -26.92 2.37
H1B NAD C . -2.36 -24.88 3.15
H8A NAD C . -3.65 -26.02 6.72
H61A NAD C . 0.79 -26.87 8.54
H62A NAD C . 2.42 -26.69 8.01
H2A NAD C . 2.10 -24.95 3.76
H51N NAD C . -5.86 -19.01 5.69
H52N NAD C . -7.01 -20.10 6.55
H4D NAD C . -5.41 -18.39 7.87
H3D NAD C . -7.99 -19.55 8.51
HO3N NAD C . -7.43 -17.77 10.40
H2D NAD C . -9.25 -17.66 7.54
HO2N NAD C . -9.66 -16.20 9.36
H1D NAD C . -7.06 -15.86 9.04
H2N NAD C . -6.79 -13.81 8.35
H71N NAD C . -5.74 -12.23 8.08
H72N NAD C . -5.74 -10.52 8.06
H4N NAD C . -9.43 -12.00 5.37
H5N NAD C . -10.40 -14.25 4.93
H6N NAD C . -9.59 -16.26 6.19
O5' ADN D . -9.34 -12.48 11.26
C5' ADN D . -9.48 -12.29 9.86
C4' ADN D . -10.81 -11.68 9.52
O4' ADN D . -10.64 -10.26 9.39
C3' ADN D . -11.45 -12.15 8.21
O3' ADN D . -12.65 -12.89 8.48
C2' ADN D . -11.80 -10.84 7.46
O2' ADN D . -13.09 -10.84 6.88
C1' ADN D . -11.68 -9.79 8.57
N9 ADN D . -11.35 -8.44 8.09
C8 ADN D . -10.40 -8.02 7.13
N7 ADN D . -10.39 -6.70 6.95
C5 ADN D . -11.38 -6.23 7.82
C6 ADN D . -11.86 -4.91 8.09
N6 ADN D . -11.33 -3.84 7.43
N1 ADN D . -12.87 -4.72 9.00
C2 ADN D . -13.34 -5.84 9.62
N3 ADN D . -12.99 -7.14 9.46
C4 ADN D . -11.99 -7.28 8.54
HO5' ADN D . -8.95 -11.66 11.59
H5'1 ADN D . -9.46 -13.28 9.33
H5'2 ADN D . -8.64 -11.71 9.44
H4' ADN D . -11.51 -11.85 10.38
H3' ADN D . -10.73 -12.76 7.59
HO3' ADN D . -13.11 -12.40 9.16
H2' ADN D . -11.02 -10.65 6.68
HO2' ADN D . -13.59 -11.54 7.30
H1' ADN D . -12.63 -9.71 9.17
H8 ADN D . -9.75 -8.75 6.63
HN61 ADN D . -10.62 -3.97 6.73
HN62 ADN D . -11.64 -2.92 7.65
H2 ADN D . -14.15 -5.65 10.35
PA NAD E . 7.24 10.05 -20.52
O1A NAD E . 7.38 11.19 -21.48
O2A NAD E . 7.82 8.67 -20.58
O5B NAD E . 5.54 9.66 -20.63
C5B NAD E . 4.75 10.79 -20.58
C4B NAD E . 3.62 10.48 -21.51
O4B NAD E . 2.61 11.48 -21.42
C3B NAD E . 4.23 10.57 -22.94
O3B NAD E . 4.10 9.28 -23.49
C2B NAD E . 3.34 11.62 -23.63
O2B NAD E . 2.97 11.23 -24.90
C1B NAD E . 2.07 11.56 -22.72
N9A NAD E . 1.30 12.78 -22.78
C8A NAD E . 1.69 14.12 -22.87
N7A NAD E . 0.67 14.96 -22.92
C5A NAD E . -0.46 14.15 -22.85
C6A NAD E . -1.84 14.42 -22.85
N6A NAD E . -2.26 15.72 -22.93
N1A NAD E . -2.76 13.40 -22.78
C2A NAD E . -2.26 12.14 -22.71
N3A NAD E . -0.98 11.73 -22.69
C4A NAD E . -0.10 12.77 -22.77
O3 NAD E . 7.47 10.88 -19.16
PN NAD E . 7.41 9.98 -17.85
O1N NAD E . 6.20 9.12 -17.61
O2N NAD E . 8.85 9.66 -17.65
O5D NAD E . 7.24 11.11 -16.46
C5D NAD E . 6.16 11.92 -16.66
C4D NAD E . 5.95 12.82 -15.44
O4D NAD E . 6.15 12.02 -14.22
C3D NAD E . 7.06 13.90 -15.43
O3D NAD E . 6.51 15.02 -14.84
C2D NAD E . 8.14 13.23 -14.55
O2D NAD E . 8.95 14.09 -13.88
C1D NAD E . 7.19 12.61 -13.49
N1N NAD E . 7.83 11.47 -12.69
C2N NAD E . 7.36 11.32 -11.41
C3N NAD E . 7.86 10.29 -10.60
C7N NAD E . 7.32 10.17 -9.19
O7N NAD E . 7.98 9.62 -8.30
N7N NAD E . 6.08 10.70 -8.93
C4N NAD E . 8.83 9.42 -11.10
C5N NAD E . 9.30 9.59 -12.39
C6N NAD E . 8.79 10.61 -13.20
H51A NAD E . 5.29 11.72 -20.87
H52A NAD E . 4.33 10.95 -19.55
H4B NAD E . 3.14 9.50 -21.25
H3B NAD E . 5.31 10.90 -22.92
HO3A NAD E . 3.17 9.10 -23.55
H2B NAD E . 3.82 12.63 -23.61
HO2A NAD E . 2.02 11.22 -24.90
H1B NAD E . 1.42 10.68 -22.92
H8A NAD E . 2.77 14.40 -22.91
H61A NAD E . -1.60 16.46 -23.00
H62A NAD E . -3.23 15.94 -22.91
H2A NAD E . -3.02 11.35 -22.65
H51N NAD E . 5.22 11.31 -16.76
H52N NAD E . 6.24 12.51 -17.61
H4D NAD E . 4.91 13.22 -15.41
H3D NAD E . 7.46 14.09 -16.47
HO3N NAD E . 6.40 15.68 -15.51
H2D NAD E . 8.73 12.46 -15.13
HO2N NAD E . 9.10 13.73 -13.01
H1D NAD E . 6.75 13.35 -12.76
H2N NAD E . 6.58 12.02 -11.04
H71N NAD E . 5.56 11.14 -9.66
H72N NAD E . 5.66 10.65 -8.03
H4N NAD E . 9.25 8.63 -10.47
H5N NAD E . 10.07 8.92 -12.80
H6N NAD E . 9.14 10.75 -14.24
O5' ADN F . 9.91 14.43 -9.15
C5' ADN F . 9.88 13.03 -9.36
C4' ADN F . 11.19 12.38 -9.01
O4' ADN F . 11.12 11.86 -7.67
C3' ADN F . 11.61 11.20 -9.91
O3' ADN F . 12.78 11.53 -10.65
C2' ADN F . 11.93 10.06 -8.91
O2' ADN F . 13.13 9.36 -9.18
C1' ADN F . 12.02 10.79 -7.57
N9 ADN F . 11.64 9.98 -6.41
C8 ADN F . 10.58 9.02 -6.27
N7 ADN F . 10.55 8.47 -5.05
C5 ADN F . 11.62 9.08 -4.36
C6 ADN F . 12.10 8.92 -3.03
N6 ADN F . 11.51 8.05 -2.17
N1 ADN F . 13.18 9.65 -2.61
C2 ADN F . 13.73 10.51 -3.52
N3 ADN F . 13.38 10.77 -4.80
C4 ADN F . 12.30 10.01 -5.17
HO5' ADN F . 10.38 14.81 -9.91
H5'1 ADN F . 9.71 12.78 -10.44
H5'2 ADN F . 9.03 12.56 -8.82
H4' ADN F . 11.99 13.18 -9.02
H3' ADN F . 10.77 10.88 -10.59
HO3' ADN F . 12.48 11.98 -11.44
H2' ADN F . 11.07 9.34 -8.88
HO2' ADN F . 13.11 8.56 -8.67
H1' ADN F . 13.06 11.19 -7.38
H8 ADN F . 9.91 8.81 -7.10
HN61 ADN F . 10.63 7.62 -2.39
HN62 ADN F . 11.94 7.82 -1.30
H2 ADN F . 14.59 11.09 -3.14
#